data_3C39
#
_entry.id   3C39
#
_cell.length_a   35.616
_cell.length_b   55.790
_cell.length_c   93.230
_cell.angle_alpha   79.18
_cell.angle_beta   84.33
_cell.angle_gamma   83.23
#
_symmetry.space_group_name_H-M   'P 1'
#
loop_
_entity.id
_entity.type
_entity.pdbx_description
1 polymer 'Phosphoglycerate kinase 1'
2 non-polymer '3-PHOSPHOGLYCERIC ACID'
3 water water
#
_entity_poly.entity_id   1
_entity_poly.type   'polypeptide(L)'
_entity_poly.pdbx_seq_one_letter_code
;GSHMSLSNKLTLDKLDVKGKRVVMRVDFNVPMKNNQITNNQRIKAAVPSIKFCLDNGAKSVVLMSHLGRPDGVPMPDKYS
LEPVAVELKSLLGKDVLFLKDCVGPEVEKACANPAAGSVILLENLRFHVEEEGKGKDASGNKVKAEPAKIEAFRASLSKL
GDVYVNDAFGTAHRAHSSMVGVNLPQKAGGFLMKKELNYFAKALESPERPFLAILGGAKVADKIQLINNMLDKVNEMIIG
GGMAFTFLKVLNNMEIGTSLFDEEGAKIVKDLMSKAEKNGVKITLPVDFVTADKFDENAKTGQATVASGIPAGWMGLDCG
PESSKKYAEAVTRAKQIVWNGPVGVFEWEAFARGTKALMDEVVKATSRGCITIIGGGDTATCCAKWNTEDKVSHVSTGGG
ASLELLEGKVLPGVDALSNI
;
_entity_poly.pdbx_strand_id   A,B
#
loop_
_chem_comp.id
_chem_comp.type
_chem_comp.name
_chem_comp.formula
3PG non-polymer '3-PHOSPHOGLYCERIC ACID' 'C3 H7 O7 P'
#
# COMPACT_ATOMS: atom_id res chain seq x y z
N SER A 5 8.75 -0.26 3.63
CA SER A 5 8.11 0.25 2.38
C SER A 5 6.77 -0.45 1.99
N LEU A 6 5.60 0.11 2.35
CA LEU A 6 4.30 -0.51 1.98
C LEU A 6 3.40 0.14 0.85
N SER A 7 3.96 1.08 0.08
CA SER A 7 3.24 1.76 -1.02
C SER A 7 2.78 0.85 -2.18
N ASN A 8 3.44 -0.28 -2.32
CA ASN A 8 3.19 -1.17 -3.48
C ASN A 8 2.83 -2.59 -2.99
N LYS A 9 2.56 -2.72 -1.68
CA LYS A 9 2.14 -3.99 -1.10
C LYS A 9 0.69 -3.87 -0.69
N LEU A 10 -0.01 -4.99 -0.77
CA LEU A 10 -1.35 -5.10 -0.25
C LEU A 10 -1.28 -5.01 1.28
N THR A 11 -2.26 -4.29 1.82
CA THR A 11 -2.30 -4.03 3.27
C THR A 11 -3.71 -4.34 3.81
N LEU A 12 -3.80 -4.62 5.11
CA LEU A 12 -5.06 -5.17 5.57
C LEU A 12 -6.25 -4.16 5.34
N ASP A 13 -6.01 -2.86 5.46
CA ASP A 13 -7.10 -1.84 5.34
C ASP A 13 -7.92 -1.91 4.03
N LYS A 14 -7.39 -2.58 3.00
CA LYS A 14 -8.04 -2.69 1.71
C LYS A 14 -8.33 -4.12 1.28
N LEU A 15 -8.15 -5.06 2.21
CA LEU A 15 -8.44 -6.47 2.00
C LEU A 15 -9.89 -6.70 2.37
N ASP A 16 -10.70 -7.25 1.45
CA ASP A 16 -12.09 -7.60 1.78
C ASP A 16 -12.06 -8.97 2.49
N VAL A 17 -12.57 -9.02 3.72
CA VAL A 17 -12.51 -10.29 4.50
C VAL A 17 -13.92 -10.81 4.89
N LYS A 18 -14.96 -10.09 4.47
CA LYS A 18 -16.33 -10.48 4.78
C LYS A 18 -16.58 -11.93 4.34
N GLY A 19 -16.99 -12.75 5.29
CA GLY A 19 -17.22 -14.17 5.06
C GLY A 19 -16.01 -14.97 4.57
N LYS A 20 -14.81 -14.44 4.74
CA LYS A 20 -13.57 -15.16 4.35
C LYS A 20 -12.85 -15.64 5.59
N ARG A 21 -12.12 -16.73 5.44
CA ARG A 21 -11.23 -17.26 6.47
C ARG A 21 -9.85 -16.59 6.31
N VAL A 22 -9.38 -16.00 7.42
CA VAL A 22 -8.11 -15.26 7.45
C VAL A 22 -7.10 -16.15 8.21
N VAL A 23 -5.97 -16.50 7.59
CA VAL A 23 -4.78 -17.06 8.35
C VAL A 23 -3.82 -15.92 8.51
N MET A 24 -3.42 -15.68 9.76
CA MET A 24 -2.62 -14.55 10.12
C MET A 24 -1.37 -15.03 10.88
N ARG A 25 -0.20 -14.78 10.29
CA ARG A 25 1.10 -14.87 11.04
C ARG A 25 1.21 -13.67 11.98
N VAL A 26 1.50 -13.98 13.25
CA VAL A 26 1.76 -12.99 14.26
C VAL A 26 3.05 -13.36 14.96
N ASP A 27 3.62 -12.39 15.66
CA ASP A 27 4.73 -12.66 16.62
C ASP A 27 4.11 -12.67 18.02
N PHE A 28 3.86 -13.87 18.51
CA PHE A 28 3.40 -14.13 19.86
C PHE A 28 4.58 -14.81 20.62
N ASN A 29 5.80 -14.54 20.16
CA ASN A 29 7.02 -15.14 20.76
C ASN A 29 7.42 -14.37 22.02
N VAL A 30 6.66 -14.61 23.10
CA VAL A 30 6.64 -13.71 24.27
C VAL A 30 7.51 -14.27 25.38
N PRO A 31 8.11 -13.37 26.20
CA PRO A 31 8.90 -13.82 27.35
C PRO A 31 8.00 -14.57 28.34
N MET A 32 8.55 -15.64 28.91
CA MET A 32 7.82 -16.63 29.71
C MET A 32 8.57 -17.04 31.02
N LYS A 33 7.83 -17.28 32.11
CA LYS A 33 8.42 -17.88 33.31
C LYS A 33 7.47 -18.86 34.04
N ASN A 34 7.93 -20.11 34.18
CA ASN A 34 7.11 -21.20 34.77
C ASN A 34 5.75 -21.31 34.06
N ASN A 35 5.76 -21.13 32.73
CA ASN A 35 4.55 -21.14 31.91
C ASN A 35 3.61 -19.93 32.11
N GLN A 36 4.12 -18.86 32.76
CA GLN A 36 3.40 -17.57 32.80
C GLN A 36 4.07 -16.51 31.90
N ILE A 37 3.24 -15.86 31.10
CA ILE A 37 3.73 -14.80 30.27
C ILE A 37 4.19 -13.59 31.09
N THR A 38 5.45 -13.20 30.92
CA THR A 38 5.96 -12.04 31.68
C THR A 38 5.95 -10.71 30.91
N ASN A 39 5.56 -10.75 29.63
CA ASN A 39 5.34 -9.52 28.89
C ASN A 39 4.34 -9.89 27.78
N ASN A 40 3.15 -9.34 27.88
CA ASN A 40 2.15 -9.61 26.85
C ASN A 40 2.06 -8.59 25.75
N GLN A 41 2.98 -7.62 25.73
CA GLN A 41 3.05 -6.56 24.69
C GLN A 41 2.86 -7.09 23.25
N ARG A 42 3.56 -8.17 22.90
CA ARG A 42 3.48 -8.76 21.53
C ARG A 42 2.09 -9.30 21.18
N ILE A 43 1.34 -9.80 22.17
CA ILE A 43 0.01 -10.30 21.96
C ILE A 43 -0.97 -9.14 21.72
N LYS A 44 -0.92 -8.14 22.61
CA LYS A 44 -1.74 -6.93 22.54
C LYS A 44 -1.55 -6.21 21.26
N ALA A 45 -0.29 -6.14 20.79
CA ALA A 45 0.00 -5.45 19.53
C ALA A 45 -0.73 -5.95 18.21
N ALA A 46 -1.07 -7.25 18.17
CA ALA A 46 -1.83 -7.85 17.04
C ALA A 46 -3.34 -7.60 17.15
N VAL A 47 -3.79 -7.10 18.28
CA VAL A 47 -5.23 -6.93 18.51
C VAL A 47 -5.92 -6.11 17.45
N PRO A 48 -5.34 -4.94 17.06
CA PRO A 48 -6.05 -4.13 16.04
C PRO A 48 -6.37 -4.94 14.78
N SER A 49 -5.39 -5.73 14.32
CA SER A 49 -5.55 -6.52 13.08
C SER A 49 -6.65 -7.58 13.20
N ILE A 50 -6.58 -8.31 14.31
CA ILE A 50 -7.60 -9.33 14.62
C ILE A 50 -9.03 -8.75 14.66
N LYS A 51 -9.20 -7.64 15.40
CA LYS A 51 -10.50 -7.03 15.58
C LYS A 51 -11.04 -6.42 14.31
N PHE A 52 -10.15 -5.87 13.47
CA PHE A 52 -10.60 -5.40 12.17
C PHE A 52 -11.21 -6.49 11.31
N CYS A 53 -10.62 -7.67 11.41
CA CYS A 53 -11.06 -8.85 10.69
C CYS A 53 -12.41 -9.31 11.21
N LEU A 54 -12.56 -9.37 12.52
CA LEU A 54 -13.81 -9.81 13.12
C LEU A 54 -14.90 -8.80 12.86
N ASP A 55 -14.53 -7.52 12.84
CA ASP A 55 -15.51 -6.44 12.82
C ASP A 55 -16.01 -6.26 11.39
N ASN A 56 -15.18 -6.65 10.44
CA ASN A 56 -15.57 -6.64 9.05
C ASN A 56 -16.10 -7.99 8.54
N GLY A 57 -16.54 -8.89 9.44
CA GLY A 57 -17.21 -10.13 9.04
C GLY A 57 -16.39 -11.32 8.57
N ALA A 58 -15.15 -11.46 9.06
CA ALA A 58 -14.37 -12.62 8.70
C ALA A 58 -15.13 -13.78 9.22
N LYS A 59 -15.06 -14.91 8.51
CA LYS A 59 -15.61 -16.15 8.98
C LYS A 59 -14.73 -16.66 10.13
N SER A 60 -13.42 -16.56 9.95
CA SER A 60 -12.50 -16.94 11.03
C SER A 60 -11.21 -16.15 10.99
N VAL A 61 -10.46 -16.20 12.10
CA VAL A 61 -9.11 -15.70 12.16
C VAL A 61 -8.29 -16.87 12.81
N VAL A 62 -7.37 -17.44 12.02
CA VAL A 62 -6.40 -18.52 12.43
C VAL A 62 -5.06 -17.88 12.70
N LEU A 63 -4.56 -17.92 13.96
CA LEU A 63 -3.36 -17.19 14.30
C LEU A 63 -2.27 -18.22 14.41
N MET A 64 -1.15 -17.93 13.78
CA MET A 64 -0.01 -18.86 13.90
C MET A 64 1.30 -18.15 14.22
N SER A 65 2.15 -18.81 15.01
CA SER A 65 3.37 -18.13 15.45
C SER A 65 4.33 -19.23 15.88
N HIS A 66 5.58 -18.88 16.09
CA HIS A 66 6.50 -19.77 16.88
C HIS A 66 6.61 -19.22 18.32
N LEU A 67 7.27 -20.01 19.20
CA LEU A 67 7.69 -19.53 20.51
C LEU A 67 9.02 -20.20 20.87
N GLY A 68 10.01 -19.39 21.28
CA GLY A 68 11.42 -19.82 21.56
C GLY A 68 12.05 -20.53 20.40
N ARG A 69 13.02 -21.43 20.66
CA ARG A 69 13.65 -22.15 19.59
C ARG A 69 13.66 -23.64 19.84
N PRO A 70 12.50 -24.27 19.65
CA PRO A 70 12.48 -25.70 19.95
C PRO A 70 13.08 -26.58 18.81
N ASP A 71 13.59 -25.96 17.75
CA ASP A 71 14.46 -26.56 16.73
C ASP A 71 13.84 -27.73 16.01
N GLY A 72 12.51 -27.65 15.78
CA GLY A 72 11.83 -28.63 14.95
C GLY A 72 11.51 -29.94 15.65
N VAL A 73 11.42 -29.90 16.99
CA VAL A 73 10.97 -31.02 17.81
C VAL A 73 9.73 -30.52 18.57
N PRO A 74 8.67 -31.31 18.61
CA PRO A 74 7.51 -30.85 19.37
C PRO A 74 7.76 -30.85 20.89
N MET A 75 7.74 -29.66 21.48
CA MET A 75 8.08 -29.49 22.90
C MET A 75 6.93 -28.85 23.69
N PRO A 76 5.74 -29.51 23.70
CA PRO A 76 4.54 -28.91 24.28
C PRO A 76 4.66 -28.75 25.78
N ASP A 77 5.59 -29.47 26.40
CA ASP A 77 5.81 -29.31 27.82
C ASP A 77 6.61 -28.07 28.17
N LYS A 78 7.29 -27.43 27.21
CA LYS A 78 8.17 -26.27 27.48
C LYS A 78 7.88 -25.00 26.65
N TYR A 79 7.41 -25.19 25.40
CA TYR A 79 7.32 -24.09 24.43
C TYR A 79 5.95 -24.13 23.78
N SER A 80 4.95 -24.50 24.55
CA SER A 80 3.55 -24.42 24.08
C SER A 80 3.00 -22.99 24.06
N LEU A 81 2.26 -22.65 22.99
CA LEU A 81 1.47 -21.41 22.88
C LEU A 81 0.14 -21.37 23.66
N GLU A 82 -0.23 -22.48 24.31
CA GLU A 82 -1.49 -22.51 25.04
C GLU A 82 -1.70 -21.32 26.01
N PRO A 83 -0.67 -20.93 26.81
CA PRO A 83 -0.90 -19.73 27.70
C PRO A 83 -1.30 -18.47 26.91
N VAL A 84 -0.75 -18.31 25.73
CA VAL A 84 -1.12 -17.17 24.89
C VAL A 84 -2.61 -17.16 24.52
N ALA A 85 -3.17 -18.30 24.19
CA ALA A 85 -4.61 -18.42 23.86
C ALA A 85 -5.51 -17.86 24.98
N VAL A 86 -5.11 -18.19 26.20
CA VAL A 86 -5.74 -17.75 27.45
C VAL A 86 -5.63 -16.26 27.63
N GLU A 87 -4.45 -15.74 27.36
CA GLU A 87 -4.17 -14.31 27.41
C GLU A 87 -4.91 -13.54 26.35
N LEU A 88 -4.91 -14.07 25.13
CA LEU A 88 -5.64 -13.45 24.03
C LEU A 88 -7.15 -13.37 24.21
N LYS A 89 -7.72 -14.38 24.86
CA LYS A 89 -9.13 -14.42 25.16
C LYS A 89 -9.62 -13.25 26.01
N SER A 90 -8.83 -12.88 27.04
CA SER A 90 -9.01 -11.65 27.84
C SER A 90 -8.97 -10.44 26.98
N LEU A 91 -7.89 -10.31 26.22
CA LEU A 91 -7.70 -9.13 25.38
C LEU A 91 -8.84 -8.89 24.39
N LEU A 92 -9.32 -9.96 23.76
CA LEU A 92 -10.42 -9.91 22.80
C LEU A 92 -11.83 -9.87 23.36
N GLY A 93 -12.04 -10.46 24.53
CA GLY A 93 -13.40 -10.78 25.04
C GLY A 93 -14.04 -11.82 24.14
N LYS A 94 -13.20 -12.66 23.53
CA LYS A 94 -13.71 -13.70 22.67
C LYS A 94 -13.02 -14.97 23.03
N ASP A 95 -13.79 -16.05 23.02
CA ASP A 95 -13.32 -17.41 23.03
C ASP A 95 -12.13 -17.56 22.04
N VAL A 96 -11.07 -18.24 22.45
CA VAL A 96 -10.00 -18.61 21.50
C VAL A 96 -9.86 -20.14 21.46
N LEU A 97 -9.96 -20.76 20.29
CA LEU A 97 -9.83 -22.20 20.23
C LEU A 97 -8.39 -22.51 19.98
N PHE A 98 -7.79 -23.26 20.91
CA PHE A 98 -6.36 -23.61 20.81
C PHE A 98 -6.23 -25.04 20.18
N LEU A 99 -5.45 -25.16 19.10
CA LEU A 99 -5.26 -26.41 18.40
C LEU A 99 -3.82 -26.84 18.77
N LYS A 100 -3.63 -28.11 19.09
CA LYS A 100 -2.36 -28.66 19.60
C LYS A 100 -1.36 -28.99 18.51
N ASP A 101 -1.70 -28.56 17.29
CA ASP A 101 -0.76 -28.64 16.15
C ASP A 101 -1.02 -27.44 15.25
N CYS A 102 -0.22 -27.32 14.19
CA CYS A 102 -0.39 -26.22 13.22
C CYS A 102 -0.57 -26.71 11.75
N VAL A 103 -0.46 -28.01 11.53
CA VAL A 103 -0.70 -28.56 10.16
C VAL A 103 -1.29 -29.98 10.29
N GLY A 104 -1.68 -30.53 9.14
CA GLY A 104 -2.15 -31.90 9.09
C GLY A 104 -3.66 -31.94 9.05
N PRO A 105 -4.24 -33.15 9.02
CA PRO A 105 -5.67 -33.40 8.77
C PRO A 105 -6.57 -32.78 9.85
N GLU A 106 -6.21 -32.94 11.13
CA GLU A 106 -7.05 -32.48 12.25
C GLU A 106 -7.14 -30.96 12.26
N VAL A 107 -6.00 -30.33 12.02
CA VAL A 107 -5.95 -28.86 12.06
C VAL A 107 -6.67 -28.43 10.81
N GLU A 108 -6.36 -29.04 9.67
CA GLU A 108 -7.12 -28.62 8.45
C GLU A 108 -8.65 -28.69 8.60
N LYS A 109 -9.15 -29.80 9.18
CA LYS A 109 -10.60 -29.96 9.45
C LYS A 109 -11.14 -28.88 10.40
N ALA A 110 -10.45 -28.64 11.52
CA ALA A 110 -10.88 -27.58 12.43
C ALA A 110 -10.96 -26.18 11.74
N CYS A 111 -10.16 -25.93 10.73
CA CYS A 111 -10.12 -24.60 10.13
C CYS A 111 -10.95 -24.56 8.83
N ALA A 112 -11.48 -25.71 8.41
CA ALA A 112 -12.12 -25.79 7.03
C ALA A 112 -13.27 -24.79 6.81
N ASN A 113 -14.11 -24.75 7.84
CA ASN A 113 -15.36 -23.93 7.82
C ASN A 113 -15.83 -23.61 9.21
N PRO A 114 -15.01 -22.86 9.99
CA PRO A 114 -15.41 -22.65 11.40
C PRO A 114 -16.67 -21.77 11.60
N ALA A 115 -17.33 -21.88 12.75
CA ALA A 115 -18.46 -21.00 13.03
C ALA A 115 -18.04 -19.56 12.79
N ALA A 116 -18.93 -18.78 12.19
CA ALA A 116 -18.66 -17.37 11.93
C ALA A 116 -18.10 -16.63 13.15
N GLY A 117 -17.07 -15.85 12.90
CA GLY A 117 -16.43 -15.13 13.98
C GLY A 117 -15.41 -15.84 14.83
N SER A 118 -15.01 -17.07 14.46
CA SER A 118 -14.09 -17.91 15.28
C SER A 118 -12.66 -17.40 15.23
N VAL A 119 -11.97 -17.51 16.36
CA VAL A 119 -10.57 -17.12 16.49
C VAL A 119 -9.94 -18.45 16.94
N ILE A 120 -8.91 -18.81 16.24
CA ILE A 120 -8.23 -20.11 16.41
C ILE A 120 -6.75 -19.80 16.55
N LEU A 121 -6.05 -20.49 17.47
CA LEU A 121 -4.62 -20.24 17.64
C LEU A 121 -3.99 -21.61 17.54
N LEU A 122 -3.08 -21.71 16.61
CA LEU A 122 -2.40 -22.98 16.38
C LEU A 122 -1.24 -23.10 17.34
N GLU A 123 -0.77 -24.31 17.50
CA GLU A 123 0.44 -24.57 18.25
C GLU A 123 1.73 -24.08 17.50
N ASN A 124 2.80 -23.89 18.29
CA ASN A 124 4.12 -23.40 17.91
C ASN A 124 4.55 -24.00 16.59
N LEU A 125 4.77 -23.12 15.62
CA LEU A 125 5.13 -23.52 14.25
C LEU A 125 6.47 -24.32 14.22
N ARG A 126 7.35 -24.00 15.16
CA ARG A 126 8.72 -24.52 15.20
C ARG A 126 8.84 -25.94 15.81
N PHE A 127 7.71 -26.50 16.18
CA PHE A 127 7.62 -27.92 16.53
C PHE A 127 7.81 -28.78 15.27
N HIS A 128 7.83 -28.11 14.13
CA HIS A 128 8.04 -28.74 12.80
C HIS A 128 9.30 -28.22 12.17
N VAL A 129 10.26 -29.11 11.91
CA VAL A 129 11.53 -28.67 11.23
C VAL A 129 11.23 -27.93 9.93
N GLU A 130 10.06 -28.18 9.32
CA GLU A 130 9.76 -27.54 8.01
C GLU A 130 9.50 -26.03 8.06
N GLU A 131 9.19 -25.52 9.25
CA GLU A 131 9.03 -24.07 9.42
C GLU A 131 10.33 -23.24 9.16
N GLU A 132 11.41 -23.53 9.88
CA GLU A 132 12.72 -22.86 9.68
C GLU A 132 13.40 -23.34 8.39
N GLY A 133 13.01 -24.54 7.97
CA GLY A 133 13.55 -25.17 6.78
C GLY A 133 14.87 -25.82 7.15
N LYS A 134 15.27 -25.70 8.42
CA LYS A 134 16.33 -26.50 9.06
C LYS A 134 15.98 -26.85 10.52
N GLY A 135 16.57 -27.92 11.06
CA GLY A 135 16.26 -28.30 12.45
C GLY A 135 17.45 -28.70 13.29
N LYS A 136 17.20 -29.06 14.56
CA LYS A 136 18.22 -29.73 15.42
C LYS A 136 17.65 -31.00 16.10
N LYS A 144 18.04 -30.84 9.31
CA LYS A 144 17.87 -30.89 7.85
C LYS A 144 16.41 -31.14 7.36
N ALA A 145 15.91 -30.32 6.43
CA ALA A 145 14.57 -30.53 5.90
C ALA A 145 14.56 -31.05 4.43
N GLU A 146 13.44 -31.67 4.06
CA GLU A 146 13.24 -32.32 2.78
C GLU A 146 12.31 -31.40 2.05
N PRO A 147 12.67 -30.97 0.81
CA PRO A 147 11.81 -30.08 0.00
C PRO A 147 10.35 -30.54 -0.12
N ALA A 148 10.14 -31.83 -0.26
CA ALA A 148 8.78 -32.36 -0.42
C ALA A 148 8.02 -32.21 0.91
N LYS A 149 8.74 -32.33 2.02
CA LYS A 149 8.18 -32.07 3.33
C LYS A 149 7.91 -30.55 3.60
N ILE A 150 8.83 -29.70 3.17
CA ILE A 150 8.64 -28.28 3.35
C ILE A 150 7.43 -27.89 2.53
N GLU A 151 7.31 -28.45 1.32
CA GLU A 151 6.19 -28.12 0.41
C GLU A 151 4.84 -28.55 1.05
N ALA A 152 4.76 -29.76 1.61
CA ALA A 152 3.60 -30.25 2.29
C ALA A 152 3.24 -29.37 3.54
N PHE A 153 4.24 -29.06 4.38
CA PHE A 153 4.08 -28.09 5.47
C PHE A 153 3.38 -26.79 5.03
N ARG A 154 3.96 -26.14 4.02
CA ARG A 154 3.39 -24.90 3.40
C ARG A 154 2.08 -25.10 2.79
N ALA A 155 1.88 -26.23 2.11
CA ALA A 155 0.54 -26.51 1.48
C ALA A 155 -0.53 -26.69 2.52
N SER A 156 -0.16 -27.25 3.66
CA SER A 156 -1.10 -27.34 4.77
C SER A 156 -1.50 -26.03 5.42
N LEU A 157 -0.51 -25.16 5.68
CA LEU A 157 -0.82 -23.82 6.24
C LEU A 157 -1.71 -23.05 5.29
N SER A 158 -1.48 -23.26 4.00
CA SER A 158 -2.24 -22.47 2.94
C SER A 158 -3.74 -22.81 2.80
N LYS A 159 -4.11 -23.97 3.28
CA LYS A 159 -5.52 -24.43 3.41
C LYS A 159 -6.37 -23.78 4.54
N LEU A 160 -5.67 -23.31 5.59
CA LEU A 160 -6.30 -22.82 6.82
C LEU A 160 -7.05 -21.50 6.69
N GLY A 161 -6.77 -20.72 5.65
CA GLY A 161 -7.67 -19.59 5.25
C GLY A 161 -7.75 -19.32 3.76
N ASP A 162 -8.66 -18.42 3.35
CA ASP A 162 -8.87 -17.99 1.96
C ASP A 162 -7.90 -16.82 1.59
N VAL A 163 -7.50 -16.09 2.61
CA VAL A 163 -6.71 -14.85 2.51
C VAL A 163 -5.63 -14.98 3.64
N TYR A 164 -4.42 -14.51 3.35
CA TYR A 164 -3.32 -14.50 4.35
C TYR A 164 -3.00 -13.06 4.76
N VAL A 165 -2.74 -12.85 6.04
CA VAL A 165 -2.29 -11.54 6.59
C VAL A 165 -0.97 -11.79 7.40
N ASN A 166 0.05 -10.93 7.19
CA ASN A 166 1.26 -11.01 8.00
C ASN A 166 1.35 -9.81 8.95
N ASP A 167 1.11 -10.10 10.21
CA ASP A 167 1.24 -9.04 11.16
C ASP A 167 2.49 -9.26 12.04
N ALA A 168 3.39 -10.13 11.58
CA ALA A 168 4.46 -10.61 12.44
C ALA A 168 5.72 -9.75 12.27
N PHE A 169 5.64 -8.48 12.68
CA PHE A 169 6.75 -7.58 12.55
C PHE A 169 8.01 -8.18 13.27
N GLY A 170 7.83 -8.72 14.46
CA GLY A 170 9.00 -9.18 15.23
C GLY A 170 9.75 -10.31 14.59
N THR A 171 9.10 -10.97 13.61
CA THR A 171 9.72 -12.14 12.90
C THR A 171 10.00 -11.82 11.45
N ALA A 172 9.77 -10.58 11.04
CA ALA A 172 9.84 -10.14 9.61
C ALA A 172 11.22 -10.32 8.96
N HIS A 173 12.26 -10.45 9.77
CA HIS A 173 13.59 -10.81 9.29
C HIS A 173 13.83 -12.31 9.01
N ARG A 174 12.86 -13.18 9.32
CA ARG A 174 13.04 -14.62 9.16
C ARG A 174 12.31 -15.08 7.92
N ALA A 175 13.06 -15.61 6.93
CA ALA A 175 12.45 -16.22 5.71
C ALA A 175 11.93 -17.64 5.92
N HIS A 176 11.00 -17.81 6.88
CA HIS A 176 10.52 -19.13 7.31
C HIS A 176 9.20 -19.44 6.57
N SER A 177 8.73 -20.70 6.60
CA SER A 177 7.61 -21.11 5.76
C SER A 177 6.36 -20.27 6.05
N SER A 178 6.09 -19.95 7.31
CA SER A 178 4.83 -19.22 7.66
C SER A 178 4.91 -17.76 7.24
N MET A 179 6.14 -17.32 7.04
CA MET A 179 6.44 -15.96 6.70
C MET A 179 6.54 -15.67 5.25
N VAL A 180 7.13 -16.61 4.47
CA VAL A 180 7.32 -16.37 3.03
C VAL A 180 6.66 -17.45 2.09
N GLY A 181 6.23 -18.58 2.68
CA GLY A 181 5.87 -19.78 1.91
C GLY A 181 4.39 -20.00 1.73
N VAL A 182 3.57 -19.12 2.30
CA VAL A 182 2.13 -19.33 2.21
C VAL A 182 1.57 -18.96 0.80
N ASN A 183 0.90 -19.92 0.17
CA ASN A 183 0.37 -19.82 -1.22
C ASN A 183 -1.14 -19.54 -1.22
N LEU A 184 -1.45 -18.26 -1.22
CA LEU A 184 -2.81 -17.75 -1.33
C LEU A 184 -2.76 -16.53 -2.22
N PRO A 185 -3.83 -16.29 -3.03
CA PRO A 185 -3.78 -15.18 -4.01
C PRO A 185 -3.44 -13.81 -3.41
N GLN A 186 -3.96 -13.56 -2.21
CA GLN A 186 -3.80 -12.29 -1.53
C GLN A 186 -3.03 -12.53 -0.22
N LYS A 187 -1.86 -11.93 -0.11
CA LYS A 187 -1.06 -11.89 1.14
C LYS A 187 -0.83 -10.42 1.55
N ALA A 188 -1.53 -9.97 2.59
CA ALA A 188 -1.55 -8.56 3.00
C ALA A 188 -0.70 -8.31 4.24
N GLY A 189 -0.01 -7.16 4.27
CA GLY A 189 0.52 -6.59 5.51
C GLY A 189 -0.53 -6.16 6.54
N GLY A 190 -0.37 -6.56 7.79
CA GLY A 190 -1.30 -6.18 8.85
C GLY A 190 -1.04 -4.77 9.39
N PHE A 191 -1.89 -4.29 10.28
CA PHE A 191 -1.77 -2.93 10.89
C PHE A 191 -0.49 -2.79 11.71
N LEU A 192 -0.03 -3.84 12.34
CA LEU A 192 1.22 -3.78 13.11
C LEU A 192 2.50 -3.71 12.22
N MET A 193 2.56 -4.56 11.21
CA MET A 193 3.52 -4.43 10.14
C MET A 193 3.60 -3.00 9.63
N LYS A 194 2.47 -2.41 9.19
CA LYS A 194 2.46 -1.01 8.80
C LYS A 194 3.01 0.03 9.83
N LYS A 195 2.50 -0.04 11.05
CA LYS A 195 2.82 0.92 12.13
C LYS A 195 4.29 0.95 12.45
N GLU A 196 4.84 -0.26 12.68
CA GLU A 196 6.28 -0.47 12.88
C GLU A 196 7.14 0.10 11.75
N LEU A 197 6.84 -0.28 10.50
CA LEU A 197 7.65 0.20 9.38
C LEU A 197 7.56 1.71 9.23
N ASN A 198 6.36 2.28 9.42
CA ASN A 198 6.16 3.72 9.33
C ASN A 198 7.02 4.47 10.31
N TYR A 199 6.96 4.07 11.58
CA TYR A 199 7.78 4.67 12.62
C TYR A 199 9.26 4.61 12.36
N PHE A 200 9.81 3.43 12.05
CA PHE A 200 11.25 3.35 11.72
C PHE A 200 11.65 4.12 10.44
N ALA A 201 10.94 3.94 9.33
CA ALA A 201 11.07 4.85 8.18
C ALA A 201 11.06 6.37 8.48
N LYS A 202 10.10 6.87 9.26
CA LYS A 202 10.13 8.28 9.66
C LYS A 202 11.38 8.61 10.50
N ALA A 203 11.65 7.81 11.54
CA ALA A 203 12.81 8.03 12.42
C ALA A 203 14.11 8.09 11.59
N LEU A 204 14.23 7.25 10.55
CA LEU A 204 15.52 7.02 9.87
C LEU A 204 15.72 7.92 8.65
N GLU A 205 14.63 8.23 7.99
CA GLU A 205 14.67 9.04 6.77
C GLU A 205 14.35 10.54 6.96
N SER A 206 13.53 10.85 7.95
CA SER A 206 13.08 12.20 8.25
C SER A 206 13.24 12.45 9.75
N PRO A 207 14.45 12.22 10.30
CA PRO A 207 14.50 12.31 11.75
C PRO A 207 14.20 13.66 12.33
N GLU A 208 13.62 13.68 13.52
CA GLU A 208 13.64 14.91 14.29
C GLU A 208 15.04 15.09 14.95
N ARG A 209 15.49 16.32 15.07
CA ARG A 209 16.86 16.53 15.55
C ARG A 209 17.00 17.52 16.71
N PRO A 210 18.00 17.37 17.61
CA PRO A 210 19.01 16.28 17.65
C PRO A 210 18.41 14.90 17.78
N PHE A 211 19.03 13.97 17.07
CA PHE A 211 18.63 12.60 17.04
C PHE A 211 19.61 11.84 17.92
N LEU A 212 19.13 11.31 19.04
CA LEU A 212 19.95 10.43 19.91
C LEU A 212 19.68 8.93 19.72
N ALA A 213 20.74 8.10 19.66
CA ALA A 213 20.56 6.65 19.76
C ALA A 213 21.17 6.17 21.03
N ILE A 214 20.42 5.36 21.75
CA ILE A 214 20.94 4.70 22.93
C ILE A 214 21.09 3.22 22.63
N LEU A 215 22.32 2.72 22.65
CA LEU A 215 22.57 1.35 22.32
C LEU A 215 23.24 0.73 23.51
N GLY A 216 22.65 -0.35 24.01
CA GLY A 216 23.30 -1.15 25.05
C GLY A 216 23.36 -2.60 24.64
N GLY A 217 24.13 -3.41 25.33
CA GLY A 217 24.17 -4.82 24.97
C GLY A 217 25.47 -5.34 25.54
N ALA A 218 25.73 -6.63 25.31
CA ALA A 218 26.86 -7.33 25.97
C ALA A 218 28.15 -7.20 25.16
N LYS A 219 28.03 -7.29 23.83
CA LYS A 219 29.22 -7.37 22.98
C LYS A 219 29.32 -6.21 21.98
N VAL A 220 30.54 -5.93 21.53
CA VAL A 220 30.78 -4.94 20.48
C VAL A 220 30.75 -5.57 19.08
N ALA A 221 31.30 -6.80 18.94
CA ALA A 221 31.60 -7.34 17.63
C ALA A 221 30.36 -7.64 16.83
N ASP A 222 29.25 -7.87 17.50
CA ASP A 222 28.00 -8.23 16.81
C ASP A 222 27.09 -7.04 16.54
N LYS A 223 27.54 -5.86 16.99
CA LYS A 223 26.82 -4.61 16.87
C LYS A 223 27.51 -3.64 15.93
N ILE A 224 28.58 -4.10 15.27
CA ILE A 224 29.41 -3.22 14.40
C ILE A 224 28.61 -2.52 13.28
N GLN A 225 27.87 -3.32 12.50
CA GLN A 225 27.10 -2.77 11.38
C GLN A 225 26.01 -1.80 11.84
N LEU A 226 25.30 -2.22 12.89
CA LEU A 226 24.31 -1.39 13.60
C LEU A 226 24.91 -0.06 14.00
N ILE A 227 26.05 -0.10 14.69
CA ILE A 227 26.67 1.14 15.15
C ILE A 227 27.04 2.01 13.96
N ASN A 228 27.67 1.42 12.93
CA ASN A 228 28.10 2.15 11.77
C ASN A 228 26.95 2.85 11.10
N ASN A 229 25.85 2.13 10.88
CA ASN A 229 24.68 2.65 10.17
C ASN A 229 24.03 3.75 11.00
N MET A 230 23.96 3.56 12.33
CA MET A 230 23.45 4.62 13.25
C MET A 230 24.35 5.89 13.18
N LEU A 231 25.69 5.71 13.20
CA LEU A 231 26.60 6.87 13.09
C LEU A 231 26.45 7.75 11.87
N ASP A 232 25.94 7.17 10.79
CA ASP A 232 25.69 7.92 9.58
C ASP A 232 24.41 8.74 9.69
N LYS A 233 23.58 8.49 10.70
CA LYS A 233 22.29 9.24 10.79
C LYS A 233 22.18 10.10 12.04
N VAL A 234 22.75 9.65 13.18
CA VAL A 234 22.48 10.34 14.48
C VAL A 234 23.33 11.60 14.74
N ASN A 235 22.87 12.42 15.68
CA ASN A 235 23.66 13.50 16.26
C ASN A 235 24.41 13.09 17.52
N GLU A 236 23.81 12.17 18.29
CA GLU A 236 24.40 11.72 19.55
C GLU A 236 24.17 10.25 19.71
N MET A 237 25.09 9.57 20.39
CA MET A 237 24.96 8.19 20.70
C MET A 237 25.44 7.86 22.13
N ILE A 238 24.55 7.23 22.89
CA ILE A 238 24.93 6.58 24.13
C ILE A 238 25.34 5.14 23.81
N ILE A 239 26.53 4.77 24.26
CA ILE A 239 26.97 3.41 24.27
C ILE A 239 26.94 2.95 25.75
N GLY A 240 26.09 1.96 26.04
CA GLY A 240 25.89 1.53 27.41
C GLY A 240 25.86 0.02 27.57
N GLY A 241 25.59 -0.45 28.76
CA GLY A 241 25.55 -1.89 29.00
C GLY A 241 26.98 -2.40 29.07
N GLY A 242 27.13 -3.72 28.95
CA GLY A 242 28.44 -4.37 29.18
C GLY A 242 29.41 -4.06 28.07
N MET A 243 28.85 -3.76 26.89
CA MET A 243 29.59 -3.24 25.73
C MET A 243 30.59 -2.13 26.02
N ALA A 244 30.14 -1.22 26.87
CA ALA A 244 30.86 -0.01 27.20
C ALA A 244 32.21 -0.36 27.86
N PHE A 245 32.32 -1.52 28.48
CA PHE A 245 33.60 -1.90 29.15
C PHE A 245 34.72 -2.10 28.12
N THR A 246 34.36 -2.65 26.97
CA THR A 246 35.26 -2.76 25.82
C THR A 246 35.80 -1.40 25.34
N PHE A 247 34.92 -0.42 25.06
CA PHE A 247 35.29 0.98 24.77
C PHE A 247 36.15 1.69 25.81
N LEU A 248 35.80 1.51 27.07
CA LEU A 248 36.53 2.23 28.17
C LEU A 248 37.90 1.63 28.44
N LYS A 249 38.02 0.34 28.32
CA LYS A 249 39.37 -0.29 28.49
C LYS A 249 40.32 0.21 27.37
N VAL A 250 39.81 0.20 26.13
CA VAL A 250 40.57 0.68 24.98
C VAL A 250 40.79 2.19 25.04
N LEU A 251 39.72 2.98 25.12
CA LEU A 251 39.87 4.44 25.10
C LEU A 251 40.46 5.09 26.36
N ASN A 252 40.25 4.50 27.54
CA ASN A 252 40.68 5.17 28.78
C ASN A 252 41.59 4.28 29.62
N ASN A 253 41.86 3.10 29.09
CA ASN A 253 42.59 2.02 29.82
C ASN A 253 41.99 1.75 31.18
N MET A 254 40.66 1.75 31.21
CA MET A 254 40.03 1.63 32.48
C MET A 254 40.31 0.23 32.99
N GLU A 255 40.49 0.12 34.30
CA GLU A 255 40.62 -1.22 34.85
C GLU A 255 39.23 -1.79 35.10
N ILE A 256 38.87 -2.90 34.44
CA ILE A 256 37.49 -3.42 34.45
C ILE A 256 37.22 -4.77 35.18
N GLY A 257 38.20 -5.28 35.93
CA GLY A 257 37.93 -6.46 36.74
C GLY A 257 37.52 -7.65 35.92
N THR A 258 36.44 -8.30 36.35
CA THR A 258 35.88 -9.47 35.70
C THR A 258 34.69 -9.13 34.76
N SER A 259 34.47 -7.84 34.47
CA SER A 259 33.38 -7.42 33.56
C SER A 259 33.67 -7.93 32.17
N LEU A 260 32.59 -7.89 31.37
CA LEU A 260 32.58 -8.36 30.00
C LEU A 260 33.68 -7.64 29.25
N PHE A 261 34.43 -8.36 28.45
CA PHE A 261 35.40 -7.69 27.61
C PHE A 261 35.43 -8.36 26.27
N ASP A 262 35.13 -7.59 25.20
CA ASP A 262 35.05 -8.13 23.84
C ASP A 262 36.41 -8.03 23.10
N GLU A 263 37.13 -9.16 23.03
CA GLU A 263 38.47 -9.09 22.45
C GLU A 263 38.49 -8.76 20.95
N GLU A 264 37.49 -9.23 20.20
CA GLU A 264 37.37 -8.89 18.78
C GLU A 264 36.90 -7.43 18.61
N GLY A 265 35.89 -7.01 19.37
CA GLY A 265 35.39 -5.63 19.27
C GLY A 265 36.39 -4.61 19.78
N ALA A 266 37.32 -5.00 20.66
CA ALA A 266 38.31 -4.04 21.16
C ALA A 266 39.11 -3.51 19.98
N LYS A 267 39.37 -4.40 19.02
CA LYS A 267 40.28 -4.16 17.88
C LYS A 267 39.74 -3.10 16.91
N ILE A 268 38.44 -2.86 16.99
CA ILE A 268 37.75 -1.96 16.02
C ILE A 268 37.09 -0.70 16.64
N VAL A 269 37.12 -0.58 17.98
CA VAL A 269 36.68 0.65 18.70
C VAL A 269 37.29 1.94 18.11
N LYS A 270 38.60 1.92 17.84
CA LYS A 270 39.26 3.04 17.15
C LYS A 270 38.47 3.53 15.91
N ASP A 271 37.99 2.58 15.12
CA ASP A 271 37.32 2.90 13.87
C ASP A 271 35.91 3.40 14.08
N LEU A 272 35.26 2.90 15.08
CA LEU A 272 33.90 3.39 15.36
C LEU A 272 33.95 4.84 15.80
N MET A 273 34.92 5.17 16.67
CA MET A 273 35.10 6.55 17.19
C MET A 273 35.55 7.53 16.13
N SER A 274 36.42 7.03 15.23
CA SER A 274 36.82 7.80 14.04
C SER A 274 35.56 8.15 13.21
N LYS A 275 34.73 7.17 12.87
CA LYS A 275 33.49 7.46 12.13
C LYS A 275 32.58 8.43 12.93
N ALA A 276 32.42 8.22 14.24
CA ALA A 276 31.67 9.18 15.10
C ALA A 276 32.20 10.62 14.94
N GLU A 277 33.51 10.75 14.97
CA GLU A 277 34.09 12.05 14.88
C GLU A 277 33.92 12.71 13.52
N LYS A 278 34.17 12.02 12.44
CA LYS A 278 34.02 12.74 11.20
C LYS A 278 32.54 13.08 10.91
N ASN A 279 31.60 12.44 11.62
CA ASN A 279 30.17 12.67 11.42
C ASN A 279 29.61 13.68 12.43
N GLY A 280 30.45 14.08 13.36
CA GLY A 280 30.09 15.07 14.35
C GLY A 280 29.19 14.46 15.41
N VAL A 281 29.33 13.17 15.65
CA VAL A 281 28.45 12.47 16.60
C VAL A 281 29.10 12.52 17.98
N LYS A 282 28.40 13.07 18.94
CA LYS A 282 28.91 13.10 20.33
C LYS A 282 28.64 11.74 21.00
N ILE A 283 29.71 11.07 21.39
CA ILE A 283 29.58 9.77 22.05
C ILE A 283 29.53 9.91 23.56
N THR A 284 28.56 9.29 24.24
CA THR A 284 28.44 9.31 25.71
C THR A 284 28.55 7.90 26.24
N LEU A 285 29.63 7.69 26.97
CA LEU A 285 29.90 6.45 27.60
C LEU A 285 29.63 6.62 29.12
N PRO A 286 29.34 5.54 29.80
CA PRO A 286 29.26 5.68 31.27
C PRO A 286 30.56 6.03 31.95
N VAL A 287 30.44 6.61 33.15
CA VAL A 287 31.58 7.17 33.91
C VAL A 287 31.66 6.55 35.31
N ASP A 288 30.58 5.88 35.73
CA ASP A 288 30.56 5.15 37.00
C ASP A 288 29.66 3.91 36.96
N PHE A 289 29.77 3.06 37.96
CA PHE A 289 29.19 1.72 37.85
C PHE A 289 28.74 1.22 39.21
N VAL A 290 27.72 0.37 39.15
CA VAL A 290 27.34 -0.56 40.23
C VAL A 290 28.00 -1.88 39.92
N THR A 291 28.89 -2.29 40.83
CA THR A 291 29.65 -3.51 40.67
C THR A 291 29.01 -4.66 41.49
N ALA A 292 29.39 -5.89 41.15
CA ALA A 292 28.92 -7.10 41.81
C ALA A 292 30.15 -7.99 42.05
N ASP A 293 30.12 -8.84 43.09
CA ASP A 293 31.27 -9.72 43.38
C ASP A 293 31.22 -11.03 42.58
N LYS A 294 30.05 -11.32 41.98
CA LYS A 294 29.81 -12.43 41.02
C LYS A 294 28.63 -12.11 40.08
N PHE A 295 28.45 -12.92 39.06
CA PHE A 295 27.32 -12.71 38.15
C PHE A 295 26.10 -13.34 38.79
N ASP A 296 25.48 -12.60 39.71
CA ASP A 296 24.35 -13.08 40.49
C ASP A 296 23.40 -11.98 40.93
N GLU A 297 22.11 -12.26 40.84
CA GLU A 297 21.07 -11.37 41.38
C GLU A 297 21.34 -10.97 42.84
N ASN A 298 21.87 -11.93 43.59
CA ASN A 298 22.11 -11.73 45.01
C ASN A 298 23.60 -11.72 45.36
N ALA A 299 24.38 -11.22 44.41
CA ALA A 299 25.77 -10.84 44.62
C ALA A 299 25.94 -9.65 45.57
N LYS A 300 27.05 -9.64 46.28
CA LYS A 300 27.47 -8.41 46.98
C LYS A 300 27.82 -7.33 45.95
N THR A 301 27.46 -6.11 46.30
CA THR A 301 27.51 -4.96 45.38
C THR A 301 28.39 -3.83 45.92
N GLY A 302 28.86 -2.99 44.99
CA GLY A 302 29.71 -1.87 45.32
C GLY A 302 29.63 -0.78 44.28
N GLN A 303 30.64 0.07 44.27
CA GLN A 303 30.66 1.21 43.37
C GLN A 303 32.04 1.48 42.80
N ALA A 304 32.08 1.97 41.58
CA ALA A 304 33.35 2.26 40.91
C ALA A 304 33.14 3.37 39.95
N THR A 305 34.23 4.04 39.59
CA THR A 305 34.24 5.09 38.59
C THR A 305 35.27 4.66 37.61
N VAL A 306 35.33 5.40 36.50
CA VAL A 306 36.42 5.24 35.54
C VAL A 306 37.75 5.48 36.29
N ALA A 307 37.83 6.57 37.05
CA ALA A 307 39.08 6.92 37.70
C ALA A 307 39.53 5.90 38.74
N SER A 308 38.61 5.42 39.56
CA SER A 308 38.89 4.39 40.57
C SER A 308 39.27 2.98 40.04
N GLY A 309 38.69 2.63 38.88
CA GLY A 309 38.74 1.30 38.31
C GLY A 309 37.82 0.37 39.10
N ILE A 310 37.62 -0.84 38.60
CA ILE A 310 36.75 -1.80 39.22
C ILE A 310 37.69 -2.77 39.92
N PRO A 311 37.48 -2.98 41.25
CA PRO A 311 38.51 -3.79 41.95
C PRO A 311 38.55 -5.18 41.32
N ALA A 312 39.74 -5.82 41.27
CA ALA A 312 39.91 -7.22 40.76
C ALA A 312 38.87 -8.22 41.37
N GLY A 313 38.35 -9.17 40.59
CA GLY A 313 37.31 -10.08 41.09
C GLY A 313 35.87 -9.55 41.09
N TRP A 314 35.69 -8.28 40.73
CA TRP A 314 34.36 -7.67 40.65
C TRP A 314 34.05 -7.25 39.22
N MET A 315 32.75 -7.22 38.88
CA MET A 315 32.24 -6.86 37.55
C MET A 315 31.16 -5.76 37.62
N GLY A 316 31.08 -4.92 36.58
CA GLY A 316 30.07 -3.84 36.51
C GLY A 316 28.85 -4.42 35.86
N LEU A 317 27.69 -4.26 36.50
CA LEU A 317 26.43 -4.80 35.99
C LEU A 317 25.39 -3.70 35.81
N ASP A 318 25.68 -2.50 36.29
CA ASP A 318 24.78 -1.40 36.01
C ASP A 318 25.62 -0.16 35.89
N CYS A 319 25.15 0.88 35.21
CA CYS A 319 25.86 2.17 35.33
C CYS A 319 25.51 2.79 36.68
N GLY A 320 26.23 3.82 37.09
CA GLY A 320 25.99 4.45 38.39
C GLY A 320 25.31 5.79 38.21
N PRO A 321 25.22 6.60 39.27
CA PRO A 321 24.47 7.84 39.28
C PRO A 321 24.99 9.00 38.46
N GLU A 322 26.29 9.15 38.35
CA GLU A 322 26.85 10.24 37.53
C GLU A 322 26.68 9.90 36.05
N SER A 323 26.77 8.61 35.71
CA SER A 323 26.50 8.19 34.31
C SER A 323 25.04 8.51 34.01
N SER A 324 24.15 8.29 34.97
CA SER A 324 22.76 8.56 34.70
C SER A 324 22.55 10.08 34.46
N LYS A 325 23.33 10.96 35.09
CA LYS A 325 23.23 12.42 34.87
C LYS A 325 23.73 12.76 33.48
N LYS A 326 24.77 12.04 33.04
CA LYS A 326 25.31 12.28 31.71
C LYS A 326 24.34 11.78 30.60
N TYR A 327 23.78 10.60 30.85
CA TYR A 327 22.82 10.05 29.92
C TYR A 327 21.63 11.04 29.88
N ALA A 328 21.22 11.55 31.03
CA ALA A 328 20.14 12.54 31.13
C ALA A 328 20.37 13.85 30.37
N GLU A 329 21.62 14.37 30.38
CA GLU A 329 22.05 15.51 29.52
C GLU A 329 21.75 15.32 28.03
N ALA A 330 22.11 14.14 27.51
CA ALA A 330 21.91 13.80 26.12
C ALA A 330 20.44 13.63 25.80
N VAL A 331 19.68 12.95 26.67
CA VAL A 331 18.21 12.81 26.48
C VAL A 331 17.52 14.20 26.38
N THR A 332 17.93 15.10 27.28
CA THR A 332 17.42 16.48 27.38
C THR A 332 17.60 17.34 26.16
N ARG A 333 18.70 17.10 25.44
CA ARG A 333 19.00 17.80 24.21
C ARG A 333 18.25 17.21 23.03
N ALA A 334 17.80 15.95 23.17
CA ALA A 334 17.21 15.21 22.02
C ALA A 334 15.81 15.69 21.63
N LYS A 335 15.53 15.61 20.34
CA LYS A 335 14.14 15.70 19.86
C LYS A 335 13.67 14.37 19.26
N GLN A 336 14.61 13.46 18.98
CA GLN A 336 14.23 12.11 18.71
C GLN A 336 15.22 11.14 19.42
N ILE A 337 14.71 10.03 19.98
CA ILE A 337 15.49 9.01 20.66
C ILE A 337 15.10 7.61 20.16
N VAL A 338 16.06 6.80 19.75
CA VAL A 338 15.79 5.41 19.42
C VAL A 338 16.68 4.61 20.37
N TRP A 339 16.08 3.77 21.20
CA TRP A 339 16.81 3.08 22.24
C TRP A 339 16.68 1.60 22.03
N ASN A 340 17.82 0.96 21.80
CA ASN A 340 17.84 -0.48 21.66
C ASN A 340 18.94 -1.16 22.49
N GLY A 341 18.53 -2.00 23.42
CA GLY A 341 19.48 -2.76 24.27
C GLY A 341 19.52 -2.19 25.69
N PRO A 342 19.71 -3.07 26.69
CA PRO A 342 19.78 -2.58 28.07
C PRO A 342 21.14 -1.91 28.40
N VAL A 343 21.11 -1.00 29.35
CA VAL A 343 22.30 -0.33 29.84
C VAL A 343 22.80 -1.00 31.13
N GLY A 344 22.03 -1.95 31.62
CA GLY A 344 22.34 -2.71 32.84
C GLY A 344 21.49 -3.98 32.93
N VAL A 345 21.89 -4.89 33.82
CA VAL A 345 21.16 -6.11 34.08
C VAL A 345 19.87 -5.88 34.94
N PHE A 346 18.90 -5.19 34.33
CA PHE A 346 17.71 -4.72 35.05
C PHE A 346 16.72 -5.76 35.52
N GLU A 347 16.93 -7.03 35.13
CA GLU A 347 16.10 -8.16 35.58
C GLU A 347 16.35 -8.44 37.06
N TRP A 348 17.45 -7.86 37.55
CA TRP A 348 17.92 -7.95 38.92
C TRP A 348 17.86 -6.53 39.49
N GLU A 349 17.07 -6.36 40.55
CA GLU A 349 16.70 -5.02 41.02
C GLU A 349 17.90 -4.16 41.46
N ALA A 350 18.87 -4.82 42.11
CA ALA A 350 20.15 -4.21 42.51
C ALA A 350 20.87 -3.53 41.32
N PHE A 351 20.62 -4.04 40.10
CA PHE A 351 21.31 -3.59 38.87
C PHE A 351 20.30 -2.96 37.85
N ALA A 352 19.13 -2.55 38.34
CA ALA A 352 18.09 -1.90 37.49
C ALA A 352 18.06 -0.36 37.56
N ARG A 353 18.78 0.25 38.52
CA ARG A 353 18.58 1.69 38.72
C ARG A 353 18.90 2.56 37.51
N GLY A 354 20.01 2.25 36.79
CA GLY A 354 20.44 2.98 35.58
C GLY A 354 19.39 2.94 34.46
N THR A 355 18.87 1.74 34.17
CA THR A 355 17.75 1.56 33.24
C THR A 355 16.44 2.28 33.66
N LYS A 356 16.03 2.08 34.91
CA LYS A 356 14.87 2.78 35.46
C LYS A 356 15.03 4.28 35.50
N ALA A 357 16.23 4.77 35.85
CA ALA A 357 16.46 6.23 35.73
C ALA A 357 16.40 6.81 34.27
N LEU A 358 17.02 6.10 33.35
CA LEU A 358 17.02 6.44 31.92
C LEU A 358 15.58 6.39 31.31
N MET A 359 14.84 5.32 31.61
CA MET A 359 13.41 5.27 31.26
C MET A 359 12.64 6.47 31.80
N ASP A 360 12.92 6.85 33.05
CA ASP A 360 12.33 8.07 33.61
C ASP A 360 12.57 9.32 32.81
N GLU A 361 13.78 9.49 32.27
CA GLU A 361 14.18 10.67 31.45
C GLU A 361 13.52 10.63 30.07
N VAL A 362 13.50 9.41 29.53
CA VAL A 362 12.85 9.19 28.25
C VAL A 362 11.34 9.46 28.32
N VAL A 363 10.72 9.05 29.41
CA VAL A 363 9.28 9.34 29.60
C VAL A 363 9.10 10.86 29.66
N LYS A 364 9.96 11.51 30.46
CA LYS A 364 9.92 12.96 30.60
C LYS A 364 10.10 13.71 29.28
N ALA A 365 11.05 13.25 28.44
CA ALA A 365 11.27 13.78 27.08
C ALA A 365 10.01 13.66 26.17
N THR A 366 9.35 12.51 26.23
CA THR A 366 8.08 12.29 25.47
C THR A 366 7.09 13.37 25.88
N SER A 367 6.99 13.67 27.18
CA SER A 367 6.05 14.73 27.68
C SER A 367 6.30 16.09 27.07
N ARG A 368 7.55 16.42 26.72
CA ARG A 368 7.82 17.72 26.06
C ARG A 368 7.91 17.68 24.54
N GLY A 369 7.47 16.59 23.92
CA GLY A 369 7.40 16.55 22.46
C GLY A 369 8.45 15.69 21.77
N CYS A 370 9.40 15.14 22.54
CA CYS A 370 10.43 14.27 21.96
C CYS A 370 9.77 12.97 21.38
N ILE A 371 10.19 12.61 20.16
CA ILE A 371 9.84 11.32 19.57
C ILE A 371 10.75 10.31 20.30
N THR A 372 10.12 9.39 21.00
CA THR A 372 10.82 8.36 21.76
C THR A 372 10.42 6.97 21.30
N ILE A 373 11.38 6.26 20.75
CA ILE A 373 11.18 4.93 20.22
C ILE A 373 11.99 3.89 21.03
N ILE A 374 11.30 2.93 21.67
CA ILE A 374 11.98 1.84 22.38
C ILE A 374 11.78 0.52 21.64
N GLY A 375 12.74 -0.38 21.73
CA GLY A 375 12.59 -1.64 20.98
C GLY A 375 12.66 -2.83 21.93
N GLY A 376 13.77 -3.55 21.79
CA GLY A 376 14.36 -4.41 22.85
C GLY A 376 15.63 -3.79 23.43
N ASP A 390 2.11 3.79 26.92
CA ASP A 390 1.86 5.05 26.21
C ASP A 390 2.70 6.24 26.73
N LYS A 391 3.61 5.91 27.64
CA LYS A 391 4.51 6.92 28.18
C LYS A 391 5.65 7.25 27.21
N VAL A 392 5.69 6.55 26.08
CA VAL A 392 6.65 6.85 25.00
C VAL A 392 5.94 6.78 23.68
N SER A 393 6.58 7.32 22.65
CA SER A 393 5.99 7.36 21.34
C SER A 393 5.68 5.95 20.80
N HIS A 394 6.69 5.07 20.81
CA HIS A 394 6.50 3.81 20.17
C HIS A 394 7.26 2.80 20.95
N VAL A 395 6.57 1.78 21.46
CA VAL A 395 7.26 0.57 22.00
C VAL A 395 7.24 -0.49 20.86
N SER A 396 8.39 -0.73 20.21
CA SER A 396 8.52 -1.76 19.17
C SER A 396 8.32 -3.15 19.73
N THR A 397 7.64 -3.99 18.94
CA THR A 397 7.60 -5.42 19.16
C THR A 397 8.79 -6.14 18.54
N GLY A 398 9.62 -5.43 17.77
CA GLY A 398 10.75 -6.06 17.11
C GLY A 398 12.00 -5.84 17.92
N GLY A 399 12.63 -6.91 18.36
CA GLY A 399 14.06 -6.83 18.75
C GLY A 399 14.92 -6.97 17.52
N GLY A 400 15.14 -8.22 17.12
CA GLY A 400 15.98 -8.54 16.00
C GLY A 400 15.49 -7.96 14.69
N ALA A 401 14.17 -7.97 14.41
CA ALA A 401 13.73 -7.42 13.15
C ALA A 401 14.00 -5.91 13.13
N SER A 402 13.88 -5.25 14.28
CA SER A 402 14.14 -3.80 14.32
C SER A 402 15.65 -3.51 14.25
N LEU A 403 16.43 -4.37 14.87
CA LEU A 403 17.89 -4.33 14.70
C LEU A 403 18.20 -4.45 13.23
N GLU A 404 17.61 -5.41 12.53
CA GLU A 404 17.78 -5.46 11.06
C GLU A 404 17.37 -4.23 10.26
N LEU A 405 16.27 -3.56 10.62
CA LEU A 405 15.88 -2.30 9.96
C LEU A 405 16.88 -1.18 10.18
N LEU A 406 17.51 -1.21 11.36
CA LEU A 406 18.45 -0.20 11.74
C LEU A 406 19.81 -0.37 11.07
N GLU A 407 20.14 -1.61 10.69
CA GLU A 407 21.30 -1.90 9.82
C GLU A 407 21.03 -1.84 8.29
N GLY A 408 19.92 -1.25 7.86
CA GLY A 408 19.56 -1.12 6.43
C GLY A 408 19.19 -2.36 5.62
N LYS A 409 18.82 -3.45 6.29
CA LYS A 409 18.60 -4.74 5.62
C LYS A 409 17.17 -5.00 5.17
N VAL A 410 17.00 -5.91 4.20
CA VAL A 410 15.63 -6.33 3.72
C VAL A 410 14.95 -7.31 4.68
N LEU A 411 13.63 -7.20 4.78
CA LEU A 411 12.81 -8.04 5.63
C LEU A 411 11.99 -8.97 4.74
N PRO A 412 12.38 -10.25 4.69
CA PRO A 412 11.70 -11.31 3.94
C PRO A 412 10.18 -11.36 4.17
N GLY A 413 9.74 -11.29 5.44
CA GLY A 413 8.30 -11.15 5.72
C GLY A 413 7.61 -9.99 4.98
N VAL A 414 8.29 -8.86 4.76
CA VAL A 414 7.68 -7.76 3.99
C VAL A 414 7.76 -8.00 2.46
N ASP A 415 8.93 -8.38 1.99
CA ASP A 415 9.14 -8.68 0.58
C ASP A 415 8.09 -9.66 -0.02
N ALA A 416 7.72 -10.66 0.77
CA ALA A 416 6.84 -11.73 0.33
C ALA A 416 5.35 -11.36 0.28
N LEU A 417 5.00 -10.15 0.74
CA LEU A 417 3.65 -9.65 0.64
C LEU A 417 3.26 -9.47 -0.81
N SER A 418 1.97 -9.61 -1.11
CA SER A 418 1.62 -9.53 -2.52
C SER A 418 1.63 -8.04 -2.89
N ASN A 419 2.03 -7.75 -4.13
CA ASN A 419 2.07 -6.38 -4.67
C ASN A 419 0.70 -5.89 -5.12
N ILE A 420 0.53 -4.56 -5.14
CA ILE A 420 -0.60 -3.98 -5.82
C ILE A 420 -0.18 -3.58 -7.21
N LEU B 6 2.01 -3.16 -21.28
CA LEU B 6 1.42 -4.32 -20.54
C LEU B 6 2.55 -5.19 -19.94
N SER B 7 2.41 -6.50 -20.13
CA SER B 7 3.30 -7.55 -19.57
C SER B 7 4.71 -7.54 -20.20
N ASN B 8 4.84 -6.82 -21.32
CA ASN B 8 6.12 -6.62 -22.06
C ASN B 8 6.65 -5.19 -22.10
N LYS B 9 6.17 -4.38 -21.16
CA LYS B 9 6.62 -3.01 -20.96
C LYS B 9 7.26 -2.83 -19.59
N LEU B 10 8.19 -1.87 -19.52
CA LEU B 10 8.80 -1.47 -18.27
C LEU B 10 7.71 -0.92 -17.34
N THR B 11 7.68 -1.37 -16.08
CA THR B 11 6.77 -0.80 -15.09
C THR B 11 7.57 -0.32 -13.90
N LEU B 12 6.92 0.59 -13.16
CA LEU B 12 7.56 1.28 -12.05
C LEU B 12 8.25 0.36 -11.05
N ASP B 13 7.69 -0.84 -10.82
CA ASP B 13 8.25 -1.75 -9.78
C ASP B 13 9.65 -2.24 -10.18
N LYS B 14 9.99 -2.08 -11.45
CA LYS B 14 11.29 -2.54 -12.00
C LYS B 14 12.16 -1.39 -12.43
N LEU B 15 11.69 -0.16 -12.22
CA LEU B 15 12.35 1.03 -12.69
C LEU B 15 13.31 1.40 -11.61
N ASP B 16 14.55 1.70 -12.00
CA ASP B 16 15.55 2.20 -11.06
C ASP B 16 15.32 3.71 -10.92
N VAL B 17 14.85 4.08 -9.75
CA VAL B 17 14.61 5.49 -9.43
C VAL B 17 15.48 5.93 -8.25
N LYS B 18 16.15 4.96 -7.62
CA LYS B 18 17.06 5.36 -6.54
C LYS B 18 18.09 6.33 -7.05
N GLY B 19 18.11 7.53 -6.45
CA GLY B 19 18.97 8.63 -6.84
C GLY B 19 18.71 9.31 -8.17
N LYS B 20 17.49 9.15 -8.69
CA LYS B 20 17.10 9.73 -9.98
C LYS B 20 16.07 10.80 -9.77
N ARG B 21 16.09 11.82 -10.65
CA ARG B 21 14.99 12.71 -10.81
C ARG B 21 13.90 12.02 -11.66
N VAL B 22 12.67 11.98 -11.16
CA VAL B 22 11.55 11.36 -11.89
C VAL B 22 10.70 12.46 -12.53
N VAL B 23 10.34 12.28 -13.81
CA VAL B 23 9.22 12.98 -14.44
C VAL B 23 8.10 12.00 -14.74
N MET B 24 6.87 12.41 -14.39
CA MET B 24 5.74 11.55 -14.39
C MET B 24 4.56 12.26 -15.00
N ARG B 25 4.03 11.71 -16.10
CA ARG B 25 2.78 12.18 -16.68
C ARG B 25 1.69 11.48 -15.91
N VAL B 26 0.72 12.28 -15.43
CA VAL B 26 -0.45 11.78 -14.70
C VAL B 26 -1.67 12.34 -15.42
N ASP B 27 -2.85 11.80 -15.15
CA ASP B 27 -4.06 12.46 -15.62
C ASP B 27 -4.74 13.15 -14.44
N PHE B 28 -4.54 14.46 -14.31
CA PHE B 28 -5.15 15.22 -13.20
C PHE B 28 -6.24 16.08 -13.85
N ASN B 29 -6.81 15.56 -14.94
CA ASN B 29 -7.87 16.28 -15.69
C ASN B 29 -9.25 15.99 -15.01
N VAL B 30 -9.48 16.69 -13.92
CA VAL B 30 -10.52 16.37 -12.95
C VAL B 30 -11.69 17.30 -13.27
N PRO B 31 -12.93 16.80 -13.06
CA PRO B 31 -14.15 17.62 -13.25
C PRO B 31 -14.15 18.76 -12.26
N MET B 32 -14.65 19.88 -12.73
CA MET B 32 -14.67 21.10 -11.99
C MET B 32 -16.05 21.77 -12.09
N LYS B 33 -16.30 22.64 -11.12
CA LYS B 33 -17.44 23.52 -11.09
C LYS B 33 -16.81 24.82 -10.57
N ASN B 34 -16.53 25.75 -11.50
CA ASN B 34 -15.57 26.86 -11.25
C ASN B 34 -14.14 26.31 -11.34
N ASN B 35 -13.28 26.74 -10.41
CA ASN B 35 -11.96 26.08 -10.24
C ASN B 35 -12.02 25.16 -9.01
N GLN B 36 -13.23 24.68 -8.75
CA GLN B 36 -13.49 23.78 -7.65
C GLN B 36 -13.69 22.31 -8.08
N ILE B 37 -12.87 21.42 -7.52
CA ILE B 37 -12.84 20.03 -7.91
C ILE B 37 -14.05 19.26 -7.36
N THR B 38 -14.81 18.64 -8.26
CA THR B 38 -16.01 17.92 -7.86
C THR B 38 -15.78 16.42 -7.66
N ASN B 39 -14.74 15.88 -8.28
CA ASN B 39 -14.35 14.46 -8.11
C ASN B 39 -12.83 14.49 -8.17
N ASN B 40 -12.21 14.04 -7.09
CA ASN B 40 -10.74 13.91 -7.05
C ASN B 40 -10.25 12.46 -7.15
N GLN B 41 -11.01 11.58 -7.82
CA GLN B 41 -10.57 10.17 -7.95
C GLN B 41 -9.24 10.06 -8.69
N ARG B 42 -9.09 10.87 -9.73
CA ARG B 42 -7.89 10.75 -10.62
C ARG B 42 -6.62 11.26 -9.94
N ILE B 43 -6.77 12.17 -8.98
CA ILE B 43 -5.61 12.64 -8.23
C ILE B 43 -5.23 11.58 -7.21
N LYS B 44 -6.18 11.16 -6.40
CA LYS B 44 -5.93 10.02 -5.45
C LYS B 44 -5.26 8.85 -6.10
N ALA B 45 -5.73 8.53 -7.32
CA ALA B 45 -5.26 7.36 -8.05
C ALA B 45 -3.74 7.36 -8.35
N ALA B 46 -3.13 8.54 -8.46
CA ALA B 46 -1.70 8.65 -8.80
C ALA B 46 -0.82 8.56 -7.57
N VAL B 47 -1.42 8.71 -6.39
CA VAL B 47 -0.68 8.78 -5.12
C VAL B 47 0.31 7.60 -4.91
N PRO B 48 -0.10 6.33 -5.22
CA PRO B 48 0.83 5.23 -4.88
C PRO B 48 2.10 5.18 -5.70
N SER B 49 2.05 5.51 -7.00
CA SER B 49 3.29 5.77 -7.83
C SER B 49 4.19 6.84 -7.24
N ILE B 50 3.60 7.98 -6.81
CA ILE B 50 4.38 9.11 -6.26
C ILE B 50 5.09 8.68 -4.97
N LYS B 51 4.33 8.12 -4.04
CA LYS B 51 4.85 7.61 -2.79
C LYS B 51 5.91 6.55 -3.00
N PHE B 52 5.69 5.62 -3.95
CA PHE B 52 6.69 4.59 -4.23
C PHE B 52 8.02 5.22 -4.65
N CYS B 53 7.95 6.29 -5.45
CA CYS B 53 9.16 6.87 -6.02
C CYS B 53 9.94 7.51 -4.89
N LEU B 54 9.26 8.24 -4.01
CA LEU B 54 9.98 8.83 -2.87
C LEU B 54 10.53 7.75 -1.92
N ASP B 55 9.74 6.69 -1.69
CA ASP B 55 10.12 5.60 -0.78
C ASP B 55 11.37 4.87 -1.27
N ASN B 56 11.52 4.79 -2.58
CA ASN B 56 12.64 4.10 -3.20
C ASN B 56 13.84 4.99 -3.59
N GLY B 57 13.84 6.23 -3.06
CA GLY B 57 14.98 7.16 -3.04
C GLY B 57 15.09 8.09 -4.22
N ALA B 58 13.96 8.36 -4.88
CA ALA B 58 14.01 9.27 -5.99
C ALA B 58 14.46 10.60 -5.37
N LYS B 59 15.24 11.38 -6.12
CA LYS B 59 15.66 12.70 -5.70
C LYS B 59 14.48 13.67 -5.69
N SER B 60 13.60 13.47 -6.65
CA SER B 60 12.41 14.32 -6.79
C SER B 60 11.43 13.72 -7.79
N VAL B 61 10.18 14.24 -7.85
CA VAL B 61 9.09 13.73 -8.76
C VAL B 61 8.44 15.00 -9.30
N VAL B 62 8.57 15.26 -10.61
CA VAL B 62 7.90 16.39 -11.24
C VAL B 62 6.70 15.80 -11.96
N LEU B 63 5.51 16.38 -11.72
CA LEU B 63 4.30 15.84 -12.26
C LEU B 63 3.80 16.78 -13.34
N MET B 64 3.27 16.22 -14.40
CA MET B 64 2.66 17.07 -15.50
C MET B 64 1.38 16.45 -16.05
N SER B 65 0.42 17.32 -16.43
CA SER B 65 -0.86 16.86 -16.85
C SER B 65 -1.43 17.98 -17.69
N HIS B 66 -2.46 17.66 -18.46
CA HIS B 66 -3.43 18.67 -18.98
C HIS B 66 -4.66 18.82 -18.07
N LEU B 67 -5.45 19.86 -18.34
CA LEU B 67 -6.73 20.04 -17.65
C LEU B 67 -7.65 20.72 -18.67
N GLY B 68 -8.79 20.08 -18.92
CA GLY B 68 -9.81 20.64 -19.82
C GLY B 68 -9.25 20.64 -21.23
N ARG B 69 -9.86 21.43 -22.09
CA ARG B 69 -9.33 21.58 -23.42
C ARG B 69 -9.14 23.07 -23.70
N PRO B 70 -7.98 23.63 -23.31
CA PRO B 70 -7.67 25.03 -23.61
C PRO B 70 -7.14 25.27 -25.03
N ASP B 71 -6.71 24.22 -25.76
CA ASP B 71 -6.37 24.28 -27.20
C ASP B 71 -5.07 25.04 -27.53
N GLY B 72 -4.14 25.05 -26.59
CA GLY B 72 -2.90 25.74 -26.84
C GLY B 72 -2.92 27.20 -26.53
N VAL B 73 -3.97 27.65 -25.85
CA VAL B 73 -4.10 29.03 -25.42
C VAL B 73 -3.96 29.00 -23.92
N PRO B 74 -3.05 29.85 -23.37
CA PRO B 74 -2.98 29.92 -21.90
C PRO B 74 -4.30 30.44 -21.35
N MET B 75 -4.92 29.66 -20.47
CA MET B 75 -6.11 30.11 -19.75
C MET B 75 -5.98 29.92 -18.22
N PRO B 76 -5.05 30.68 -17.58
CA PRO B 76 -4.82 30.51 -16.13
C PRO B 76 -6.05 30.74 -15.26
N ASP B 77 -7.06 31.42 -15.79
CA ASP B 77 -8.25 31.73 -15.01
C ASP B 77 -9.44 30.83 -15.31
N LYS B 78 -9.23 29.84 -16.18
CA LYS B 78 -10.24 28.82 -16.43
C LYS B 78 -9.74 27.41 -16.19
N TYR B 79 -8.49 27.16 -16.55
CA TYR B 79 -8.02 25.79 -16.64
C TYR B 79 -6.66 25.60 -15.97
N SER B 80 -6.42 26.35 -14.90
CA SER B 80 -5.12 26.24 -14.15
C SER B 80 -5.19 24.99 -13.30
N LEU B 81 -4.03 24.35 -13.18
CA LEU B 81 -3.86 23.14 -12.41
C LEU B 81 -3.60 23.51 -10.94
N GLU B 82 -3.67 24.80 -10.64
CA GLU B 82 -3.35 25.20 -9.28
C GLU B 82 -4.26 24.52 -8.24
N PRO B 83 -5.60 24.49 -8.46
CA PRO B 83 -6.42 23.84 -7.43
C PRO B 83 -6.05 22.38 -7.27
N VAL B 84 -5.54 21.77 -8.33
CA VAL B 84 -5.18 20.35 -8.21
C VAL B 84 -3.94 20.19 -7.29
N ALA B 85 -3.06 21.18 -7.29
CA ALA B 85 -1.82 21.06 -6.49
C ALA B 85 -2.20 21.12 -5.01
N VAL B 86 -3.14 22.01 -4.68
CA VAL B 86 -3.70 22.13 -3.30
C VAL B 86 -4.36 20.81 -2.82
N GLU B 87 -5.27 20.30 -3.65
CA GLU B 87 -5.90 19.00 -3.40
C GLU B 87 -4.90 17.87 -3.18
N LEU B 88 -3.90 17.80 -4.05
CA LEU B 88 -2.95 16.67 -3.99
C LEU B 88 -2.08 16.74 -2.73
N LYS B 89 -1.74 17.94 -2.27
CA LYS B 89 -0.99 18.05 -1.01
C LYS B 89 -1.68 17.33 0.19
N SER B 90 -3.00 17.43 0.29
CA SER B 90 -3.74 16.72 1.36
C SER B 90 -3.83 15.25 1.11
N LEU B 91 -4.00 14.84 -0.17
CA LEU B 91 -4.19 13.43 -0.53
C LEU B 91 -2.90 12.70 -0.36
N LEU B 92 -1.80 13.39 -0.68
CA LEU B 92 -0.46 12.81 -0.67
C LEU B 92 0.14 12.86 0.69
N GLY B 93 -0.17 13.94 1.41
CA GLY B 93 0.37 14.22 2.73
C GLY B 93 1.82 14.62 2.70
N LYS B 94 2.22 15.30 1.63
CA LYS B 94 3.57 15.82 1.40
C LYS B 94 3.36 17.15 0.73
N ASP B 95 4.28 18.08 0.94
CA ASP B 95 4.16 19.36 0.27
C ASP B 95 4.19 19.17 -1.28
N VAL B 96 3.46 19.99 -2.01
CA VAL B 96 3.50 19.97 -3.48
C VAL B 96 3.80 21.36 -3.94
N LEU B 97 4.90 21.58 -4.71
CA LEU B 97 5.21 22.94 -5.25
C LEU B 97 4.65 23.10 -6.67
N PHE B 98 3.88 24.15 -6.93
CA PHE B 98 3.29 24.41 -8.23
C PHE B 98 4.12 25.45 -8.99
N LEU B 99 4.48 25.15 -10.25
CA LEU B 99 5.38 26.01 -11.06
C LEU B 99 4.65 26.50 -12.30
N LYS B 100 4.48 27.83 -12.44
CA LYS B 100 3.38 28.48 -13.22
C LYS B 100 3.37 28.19 -14.71
N ASP B 101 4.33 27.36 -15.12
CA ASP B 101 4.27 26.80 -16.46
C ASP B 101 4.72 25.29 -16.49
N GLU B 108 12.52 25.48 -16.31
CA GLU B 108 13.59 24.50 -16.30
C GLU B 108 14.57 24.63 -15.15
N LYS B 109 14.89 25.87 -14.78
CA LYS B 109 15.83 26.10 -13.66
C LYS B 109 15.44 25.30 -12.42
N ALA B 110 14.12 25.19 -12.26
CA ALA B 110 13.49 24.72 -11.02
C ALA B 110 13.42 23.21 -10.96
N CYS B 111 13.65 22.57 -12.12
CA CYS B 111 13.64 21.10 -12.27
C CYS B 111 14.99 20.55 -12.79
N ALA B 112 15.81 21.43 -13.35
CA ALA B 112 17.20 21.04 -13.59
C ALA B 112 17.78 20.46 -12.27
N ASN B 113 17.13 20.84 -11.14
CA ASN B 113 17.61 20.44 -9.84
C ASN B 113 16.65 20.91 -8.71
N PRO B 114 15.52 20.19 -8.54
CA PRO B 114 14.76 20.54 -7.35
C PRO B 114 15.48 20.08 -6.07
N ALA B 115 15.02 20.61 -4.94
CA ALA B 115 15.45 20.22 -3.61
C ALA B 115 15.10 18.78 -3.37
N ALA B 116 15.96 18.08 -2.61
CA ALA B 116 15.75 16.65 -2.34
C ALA B 116 14.34 16.39 -1.88
N GLY B 117 13.68 15.35 -2.43
CA GLY B 117 12.34 14.93 -1.98
C GLY B 117 11.17 15.78 -2.45
N SER B 118 11.43 16.70 -3.36
CA SER B 118 10.41 17.65 -3.78
C SER B 118 9.41 16.93 -4.68
N VAL B 119 8.14 17.25 -4.53
CA VAL B 119 7.06 16.85 -5.46
C VAL B 119 6.54 18.17 -6.01
N ILE B 120 6.67 18.33 -7.33
CA ILE B 120 6.29 19.52 -8.05
C ILE B 120 5.19 19.17 -9.01
N LEU B 121 4.22 20.05 -9.22
CA LEU B 121 3.26 19.86 -10.30
C LEU B 121 3.45 21.03 -11.25
N LEU B 122 3.55 20.75 -12.53
CA LEU B 122 3.69 21.81 -13.52
C LEU B 122 2.32 22.41 -13.92
N GLU B 123 2.32 23.60 -14.53
CA GLU B 123 1.04 24.08 -15.10
C GLU B 123 0.55 23.18 -16.26
N ASN B 124 -0.72 23.35 -16.60
CA ASN B 124 -1.40 22.71 -17.71
C ASN B 124 -0.53 22.65 -18.93
N LEU B 125 -0.20 21.44 -19.36
CA LEU B 125 0.58 21.22 -20.59
C LEU B 125 -0.07 21.81 -21.87
N ARG B 126 -1.39 21.68 -21.95
CA ARG B 126 -2.20 22.22 -23.05
C ARG B 126 -2.32 23.77 -23.17
N PHE B 127 -1.64 24.50 -22.30
CA PHE B 127 -1.43 25.94 -22.53
C PHE B 127 -0.35 26.09 -23.62
N HIS B 128 0.27 24.96 -24.05
CA HIS B 128 1.23 24.91 -25.15
C HIS B 128 0.71 24.11 -26.33
N VAL B 129 0.68 24.75 -27.50
CA VAL B 129 0.21 24.15 -28.75
C VAL B 129 1.00 22.85 -29.05
N GLU B 130 2.26 22.81 -28.64
CA GLU B 130 3.17 21.70 -28.88
C GLU B 130 2.81 20.39 -28.15
N GLU B 131 1.89 20.45 -27.17
CA GLU B 131 1.42 19.27 -26.45
C GLU B 131 0.55 18.42 -27.38
N GLU B 132 -0.54 18.99 -27.85
CA GLU B 132 -1.47 18.29 -28.72
C GLU B 132 -0.93 18.20 -30.15
N GLY B 133 0.01 19.06 -30.52
CA GLY B 133 0.48 19.16 -31.91
C GLY B 133 -0.29 20.22 -32.68
N LYS B 134 -1.61 20.22 -32.53
CA LYS B 134 -2.44 21.29 -33.09
C LYS B 134 -3.06 22.11 -31.96
N GLY B 135 -3.91 23.06 -32.34
CA GLY B 135 -4.65 23.86 -31.40
C GLY B 135 -5.31 25.04 -32.10
N LYS B 136 -5.59 26.09 -31.32
CA LYS B 136 -6.16 27.36 -31.79
C LYS B 136 -5.48 28.56 -31.12
N ASP B 137 -5.63 29.73 -31.75
CA ASP B 137 -5.27 30.99 -31.12
C ASP B 137 -6.39 31.47 -30.21
N ALA B 138 -6.23 32.67 -29.64
CA ALA B 138 -7.23 33.28 -28.77
C ALA B 138 -8.53 33.64 -29.51
N SER B 139 -8.45 33.82 -30.83
CA SER B 139 -9.63 34.14 -31.65
C SER B 139 -10.53 32.91 -31.97
N GLY B 140 -9.94 31.71 -31.91
CA GLY B 140 -10.67 30.46 -32.25
C GLY B 140 -10.20 29.81 -33.55
N ASN B 141 -9.16 30.36 -34.14
CA ASN B 141 -8.71 29.88 -35.45
C ASN B 141 -7.48 28.97 -35.35
N LYS B 142 -7.51 27.90 -36.16
CA LYS B 142 -6.58 26.77 -36.05
C LYS B 142 -5.13 27.21 -36.21
N VAL B 143 -4.26 26.71 -35.33
CA VAL B 143 -2.81 26.93 -35.46
C VAL B 143 -2.01 25.63 -35.64
N LYS B 144 -0.90 25.77 -36.35
CA LYS B 144 -0.04 24.68 -36.75
C LYS B 144 1.21 24.72 -35.88
N ALA B 145 1.62 23.57 -35.40
CA ALA B 145 2.84 23.52 -34.61
C ALA B 145 4.04 23.17 -35.51
N GLU B 146 5.16 23.80 -35.20
CA GLU B 146 6.36 23.69 -36.01
C GLU B 146 7.21 22.64 -35.35
N PRO B 147 7.77 21.72 -36.15
CA PRO B 147 8.61 20.65 -35.64
C PRO B 147 9.81 21.14 -34.85
N ALA B 148 10.39 22.26 -35.25
CA ALA B 148 11.44 22.89 -34.46
C ALA B 148 10.94 23.17 -33.01
N LYS B 149 9.68 23.59 -32.89
CA LYS B 149 9.03 23.89 -31.60
C LYS B 149 8.62 22.62 -30.83
N ILE B 150 8.21 21.57 -31.55
CA ILE B 150 7.76 20.32 -30.93
C ILE B 150 8.98 19.66 -30.31
N GLU B 151 10.09 19.72 -31.04
CA GLU B 151 11.31 19.13 -30.56
C GLU B 151 11.80 19.84 -29.30
N ALA B 152 11.71 21.19 -29.31
CA ALA B 152 12.10 22.06 -28.18
C ALA B 152 11.24 21.81 -26.96
N PHE B 153 9.91 21.73 -27.17
CA PHE B 153 8.93 21.32 -26.12
C PHE B 153 9.27 19.94 -25.50
N ARG B 154 9.54 18.94 -26.34
CA ARG B 154 9.88 17.61 -25.87
C ARG B 154 11.28 17.57 -25.22
N ALA B 155 12.16 18.49 -25.63
CA ALA B 155 13.47 18.60 -24.97
C ALA B 155 13.29 19.16 -23.58
N SER B 156 12.49 20.20 -23.48
CA SER B 156 12.14 20.84 -22.22
C SER B 156 11.52 19.88 -21.20
N LEU B 157 10.54 19.07 -21.64
CA LEU B 157 9.94 18.02 -20.77
C LEU B 157 10.96 16.95 -20.35
N SER B 158 11.85 16.56 -21.28
CA SER B 158 12.84 15.48 -21.07
C SER B 158 13.93 15.90 -20.09
N LYS B 159 14.21 17.20 -20.09
CA LYS B 159 15.13 17.86 -19.18
C LYS B 159 14.70 17.74 -17.73
N LEU B 160 13.38 17.64 -17.51
CA LEU B 160 12.81 17.53 -16.17
C LEU B 160 13.12 16.27 -15.35
N GLY B 161 13.51 15.16 -15.98
CA GLY B 161 13.87 13.95 -15.21
C GLY B 161 15.10 13.21 -15.71
N ASP B 162 15.60 12.23 -14.93
CA ASP B 162 16.54 11.23 -15.43
C ASP B 162 15.79 10.05 -16.04
N VAL B 163 14.58 9.76 -15.47
CA VAL B 163 13.71 8.64 -15.89
C VAL B 163 12.29 9.18 -16.07
N TYR B 164 11.44 8.45 -16.80
CA TYR B 164 10.05 8.88 -17.10
C TYR B 164 9.13 7.80 -16.62
N VAL B 165 8.05 8.23 -15.99
CA VAL B 165 6.98 7.34 -15.55
C VAL B 165 5.67 7.81 -16.20
N ASN B 166 4.93 6.93 -16.85
CA ASN B 166 3.60 7.39 -17.36
C ASN B 166 2.50 6.75 -16.50
N ASP B 167 1.82 7.54 -15.67
CA ASP B 167 0.72 6.93 -14.92
C ASP B 167 -0.64 7.48 -15.37
N ALA B 168 -0.64 8.18 -16.51
CA ALA B 168 -1.83 8.87 -17.06
C ALA B 168 -2.73 7.93 -17.93
N PHE B 169 -3.29 6.90 -17.27
CA PHE B 169 -4.11 5.94 -17.98
C PHE B 169 -5.28 6.69 -18.66
N GLY B 170 -5.82 7.70 -17.99
CA GLY B 170 -7.06 8.35 -18.55
C GLY B 170 -6.76 9.02 -19.89
N THR B 171 -5.45 9.16 -20.19
CA THR B 171 -4.99 9.92 -21.35
C THR B 171 -4.20 8.96 -22.26
N ALA B 172 -4.20 7.67 -21.95
CA ALA B 172 -3.35 6.78 -22.80
C ALA B 172 -3.73 6.73 -24.31
N HIS B 173 -4.92 7.18 -24.66
CA HIS B 173 -5.31 7.12 -26.06
C HIS B 173 -4.88 8.32 -26.90
N ARG B 174 -4.11 9.22 -26.27
CA ARG B 174 -3.71 10.48 -26.86
C ARG B 174 -2.20 10.42 -27.13
N ALA B 175 -1.87 10.60 -28.40
CA ALA B 175 -0.48 10.63 -28.87
C ALA B 175 0.15 12.03 -28.73
N HIS B 176 0.07 12.57 -27.51
CA HIS B 176 0.43 13.97 -27.24
C HIS B 176 1.91 14.05 -26.84
N SER B 177 2.57 15.21 -26.91
CA SER B 177 4.04 15.18 -26.63
C SER B 177 4.45 14.68 -25.24
N SER B 178 3.68 15.01 -24.22
CA SER B 178 3.97 14.55 -22.82
C SER B 178 3.79 13.02 -22.67
N MET B 179 3.01 12.43 -23.60
CA MET B 179 2.63 10.99 -23.52
C MET B 179 3.52 10.11 -24.38
N VAL B 180 4.01 10.65 -25.49
CA VAL B 180 4.83 9.85 -26.42
C VAL B 180 6.20 10.40 -26.83
N GLY B 181 6.48 11.64 -26.48
CA GLY B 181 7.64 12.33 -27.04
C GLY B 181 8.75 12.62 -26.07
N VAL B 182 8.66 11.96 -24.90
CA VAL B 182 9.66 12.18 -23.84
C VAL B 182 10.87 11.26 -24.12
N ASN B 183 12.02 11.87 -24.40
CA ASN B 183 13.17 11.06 -24.79
C ASN B 183 14.05 10.84 -23.62
N LEU B 184 13.75 9.82 -22.83
CA LEU B 184 14.63 9.37 -21.77
C LEU B 184 14.79 7.87 -21.94
N PRO B 185 15.94 7.30 -21.55
CA PRO B 185 16.22 5.91 -21.88
C PRO B 185 15.26 4.88 -21.23
N GLN B 186 14.77 5.17 -20.02
CA GLN B 186 13.85 4.31 -19.23
C GLN B 186 12.49 5.05 -19.13
N LYS B 187 11.45 4.48 -19.72
CA LYS B 187 10.08 5.05 -19.70
C LYS B 187 9.10 3.97 -19.26
N ALA B 188 8.65 4.08 -18.02
CA ALA B 188 7.98 2.97 -17.37
C ALA B 188 6.52 3.28 -17.11
N GLY B 189 5.66 2.25 -17.22
CA GLY B 189 4.29 2.32 -16.72
C GLY B 189 4.21 2.48 -15.20
N GLY B 190 3.50 3.50 -14.75
CA GLY B 190 3.22 3.69 -13.30
C GLY B 190 2.24 2.62 -12.79
N PHE B 191 2.06 2.50 -11.48
CA PHE B 191 1.18 1.49 -10.89
C PHE B 191 -0.30 1.65 -11.28
N LEU B 192 -0.68 2.87 -11.63
CA LEU B 192 -2.11 3.05 -12.03
C LEU B 192 -2.25 2.51 -13.42
N MET B 193 -1.36 2.90 -14.33
CA MET B 193 -1.31 2.33 -15.68
C MET B 193 -1.29 0.78 -15.61
N LYS B 194 -0.45 0.24 -14.77
CA LYS B 194 -0.36 -1.19 -14.56
C LYS B 194 -1.68 -1.84 -14.09
N LYS B 195 -2.30 -1.30 -13.03
CA LYS B 195 -3.57 -1.77 -12.45
C LYS B 195 -4.64 -1.75 -13.54
N GLU B 196 -4.78 -0.60 -14.19
CA GLU B 196 -5.80 -0.39 -15.24
C GLU B 196 -5.71 -1.39 -16.42
N LEU B 197 -4.52 -1.46 -17.05
CA LEU B 197 -4.23 -2.40 -18.14
C LEU B 197 -4.37 -3.89 -17.75
N ASN B 198 -4.03 -4.20 -16.51
CA ASN B 198 -4.16 -5.54 -15.98
C ASN B 198 -5.64 -5.96 -15.83
N TYR B 199 -6.47 -5.06 -15.34
CA TYR B 199 -7.91 -5.32 -15.24
C TYR B 199 -8.50 -5.52 -16.64
N PHE B 200 -8.23 -4.59 -17.56
CA PHE B 200 -8.88 -4.68 -18.86
C PHE B 200 -8.36 -5.77 -19.77
N ALA B 201 -7.10 -6.17 -19.59
CA ALA B 201 -6.41 -7.18 -20.42
C ALA B 201 -6.94 -8.53 -20.03
N LYS B 202 -6.89 -8.78 -18.72
CA LYS B 202 -7.44 -9.95 -18.05
C LYS B 202 -8.92 -10.10 -18.26
N ALA B 203 -9.63 -9.00 -18.50
CA ALA B 203 -11.08 -9.08 -18.72
C ALA B 203 -11.40 -9.62 -20.10
N LEU B 204 -10.53 -9.25 -21.06
CA LEU B 204 -10.74 -9.46 -22.50
C LEU B 204 -9.88 -10.55 -23.15
N GLU B 205 -8.80 -10.97 -22.49
CA GLU B 205 -8.01 -12.10 -22.99
C GLU B 205 -8.43 -13.38 -22.33
N SER B 206 -8.67 -13.37 -21.03
CA SER B 206 -9.09 -14.60 -20.40
C SER B 206 -10.24 -14.33 -19.47
N PRO B 207 -11.40 -13.98 -20.05
CA PRO B 207 -12.56 -13.65 -19.26
C PRO B 207 -12.96 -14.75 -18.30
N GLU B 208 -13.26 -14.35 -17.07
CA GLU B 208 -14.13 -15.15 -16.19
C GLU B 208 -15.48 -15.26 -16.87
N ARG B 209 -16.11 -16.41 -16.73
CA ARG B 209 -17.31 -16.71 -17.52
C ARG B 209 -18.44 -17.16 -16.62
N PRO B 210 -19.67 -16.70 -16.90
CA PRO B 210 -20.10 -15.79 -17.98
C PRO B 210 -19.70 -14.31 -17.79
N PHE B 211 -19.48 -13.66 -18.93
CA PHE B 211 -18.93 -12.36 -18.98
C PHE B 211 -20.04 -11.51 -19.59
N LEU B 212 -20.45 -10.48 -18.82
CA LEU B 212 -21.47 -9.50 -19.24
C LEU B 212 -20.78 -8.19 -19.43
N ALA B 213 -21.12 -7.52 -20.54
CA ALA B 213 -20.69 -6.16 -20.76
C ALA B 213 -21.97 -5.33 -20.66
N ILE B 214 -21.90 -4.24 -19.96
CA ILE B 214 -23.01 -3.30 -19.89
C ILE B 214 -22.52 -2.04 -20.64
N LEU B 215 -23.13 -1.70 -21.76
CA LEU B 215 -22.64 -0.58 -22.49
C LEU B 215 -23.76 0.42 -22.61
N GLY B 216 -23.49 1.65 -22.13
CA GLY B 216 -24.50 2.76 -22.23
C GLY B 216 -23.94 3.86 -23.10
N GLY B 217 -24.81 4.66 -23.72
CA GLY B 217 -24.37 5.77 -24.54
C GLY B 217 -25.57 6.55 -25.02
N ALA B 218 -25.41 7.86 -25.23
CA ALA B 218 -26.45 8.69 -25.85
C ALA B 218 -26.56 8.42 -27.34
N LYS B 219 -25.44 8.22 -28.00
CA LYS B 219 -25.44 8.01 -29.46
C LYS B 219 -24.83 6.70 -29.92
N VAL B 220 -25.57 5.94 -30.73
CA VAL B 220 -25.13 4.63 -31.28
C VAL B 220 -23.93 4.76 -32.25
N ALA B 221 -23.94 5.84 -33.03
CA ALA B 221 -23.03 6.09 -34.16
C ALA B 221 -21.61 5.58 -33.91
N ASP B 222 -21.09 6.03 -32.77
CA ASP B 222 -19.72 5.89 -32.37
C ASP B 222 -19.57 4.73 -31.40
N LYS B 223 -20.64 3.96 -31.20
CA LYS B 223 -20.51 2.87 -30.25
C LYS B 223 -20.59 1.55 -30.93
N ILE B 224 -20.52 1.58 -32.27
CA ILE B 224 -20.57 0.42 -33.15
C ILE B 224 -19.36 -0.44 -32.91
N GLN B 225 -18.17 0.18 -33.08
CA GLN B 225 -16.94 -0.53 -32.84
C GLN B 225 -16.93 -1.20 -31.50
N LEU B 226 -17.27 -0.46 -30.45
CA LEU B 226 -17.28 -1.01 -29.10
C LEU B 226 -18.11 -2.32 -29.05
N ILE B 227 -19.36 -2.21 -29.52
CA ILE B 227 -20.30 -3.36 -29.55
C ILE B 227 -19.75 -4.55 -30.36
N ASN B 228 -19.39 -4.25 -31.61
CA ASN B 228 -18.84 -5.28 -32.50
C ASN B 228 -17.68 -6.04 -31.90
N ASN B 229 -16.79 -5.26 -31.29
CA ASN B 229 -15.60 -5.84 -30.79
C ASN B 229 -15.94 -6.66 -29.58
N MET B 230 -16.83 -6.14 -28.71
CA MET B 230 -17.18 -6.86 -27.48
C MET B 230 -17.99 -8.13 -27.71
N LEU B 231 -18.82 -8.11 -28.75
CA LEU B 231 -19.52 -9.32 -29.27
C LEU B 231 -18.60 -10.51 -29.46
N ASP B 232 -17.35 -10.24 -29.86
CA ASP B 232 -16.35 -11.29 -29.96
C ASP B 232 -15.93 -11.92 -28.61
N LYS B 233 -16.23 -11.23 -27.49
CA LYS B 233 -15.66 -11.53 -26.16
C LYS B 233 -16.61 -12.03 -25.06
N VAL B 234 -17.88 -11.62 -25.13
CA VAL B 234 -18.77 -11.71 -23.98
C VAL B 234 -19.77 -12.86 -24.20
N ASN B 235 -20.58 -13.13 -23.18
CA ASN B 235 -21.66 -14.11 -23.28
C ASN B 235 -23.02 -13.41 -23.29
N GLU B 236 -23.04 -12.18 -22.77
CA GLU B 236 -24.22 -11.35 -22.72
C GLU B 236 -23.82 -9.89 -22.83
N MET B 237 -24.73 -9.10 -23.35
CA MET B 237 -24.50 -7.67 -23.33
C MET B 237 -25.77 -6.93 -22.95
N ILE B 238 -25.65 -5.96 -22.02
CA ILE B 238 -26.75 -4.96 -21.87
C ILE B 238 -26.43 -3.78 -22.79
N ILE B 239 -27.40 -3.42 -23.62
CA ILE B 239 -27.32 -2.19 -24.39
C ILE B 239 -28.31 -1.18 -23.76
N GLY B 240 -27.74 -0.19 -23.06
CA GLY B 240 -28.51 0.81 -22.29
C GLY B 240 -28.30 2.26 -22.67
N GLY B 241 -29.03 3.17 -22.04
CA GLY B 241 -28.96 4.61 -22.34
C GLY B 241 -29.76 5.06 -23.57
N GLY B 242 -29.53 6.26 -24.07
CA GLY B 242 -30.26 6.78 -25.24
C GLY B 242 -30.06 6.02 -26.54
N MET B 243 -28.94 5.28 -26.65
CA MET B 243 -28.71 4.45 -27.83
C MET B 243 -29.65 3.24 -27.95
N ALA B 244 -30.19 2.75 -26.83
CA ALA B 244 -31.15 1.66 -26.86
C ALA B 244 -32.43 1.99 -27.72
N PHE B 245 -32.82 3.25 -27.83
CA PHE B 245 -34.07 3.61 -28.58
C PHE B 245 -33.88 3.43 -30.12
N THR B 246 -32.63 3.47 -30.58
CA THR B 246 -32.35 3.12 -31.97
C THR B 246 -32.55 1.61 -32.16
N PHE B 247 -32.02 0.76 -31.26
CA PHE B 247 -32.30 -0.67 -31.32
C PHE B 247 -33.79 -1.03 -31.16
N LEU B 248 -34.51 -0.32 -30.31
CA LEU B 248 -35.97 -0.68 -30.05
C LEU B 248 -36.92 -0.32 -31.18
N LYS B 249 -36.66 0.78 -31.85
CA LYS B 249 -37.43 1.19 -33.05
C LYS B 249 -37.25 0.24 -34.25
N VAL B 250 -36.03 -0.24 -34.44
CA VAL B 250 -35.74 -1.18 -35.46
C VAL B 250 -36.26 -2.56 -35.08
N LEU B 251 -36.01 -3.00 -33.84
CA LEU B 251 -36.19 -4.41 -33.52
C LEU B 251 -37.59 -4.78 -33.06
N ASN B 252 -38.24 -3.81 -32.48
CA ASN B 252 -39.59 -4.00 -31.89
C ASN B 252 -40.58 -3.02 -32.46
N ASN B 253 -40.13 -2.23 -33.43
CA ASN B 253 -40.89 -1.09 -33.93
C ASN B 253 -41.53 -0.26 -32.84
N MET B 254 -40.78 -0.01 -31.77
CA MET B 254 -41.27 0.85 -30.70
C MET B 254 -41.38 2.28 -31.22
N GLU B 255 -42.38 3.03 -30.74
CA GLU B 255 -42.41 4.46 -31.00
C GLU B 255 -41.81 5.21 -29.80
N ILE B 256 -40.96 6.19 -30.11
CA ILE B 256 -39.94 6.64 -29.15
C ILE B 256 -40.05 8.17 -28.91
N GLY B 257 -41.03 8.83 -29.53
CA GLY B 257 -41.25 10.27 -29.24
C GLY B 257 -40.07 11.06 -29.77
N THR B 258 -39.65 12.05 -28.97
CA THR B 258 -38.47 12.89 -29.20
C THR B 258 -37.14 12.34 -28.59
N SER B 259 -37.14 11.08 -28.15
CA SER B 259 -35.91 10.35 -27.73
C SER B 259 -34.89 10.34 -28.87
N LEU B 260 -33.63 10.17 -28.46
CA LEU B 260 -32.50 10.13 -29.37
C LEU B 260 -32.68 8.99 -30.35
N PHE B 261 -32.39 9.30 -31.62
CA PHE B 261 -32.49 8.32 -32.68
C PHE B 261 -31.44 8.56 -33.74
N ASP B 262 -30.77 7.48 -34.10
CA ASP B 262 -29.59 7.55 -34.93
C ASP B 262 -29.93 6.87 -36.25
N GLU B 263 -30.38 7.68 -37.18
CA GLU B 263 -30.84 7.22 -38.49
C GLU B 263 -29.83 6.30 -39.19
N GLU B 264 -28.56 6.65 -39.09
CA GLU B 264 -27.49 5.89 -39.73
C GLU B 264 -27.13 4.68 -38.90
N GLY B 265 -27.03 4.83 -37.59
CA GLY B 265 -26.87 3.68 -36.67
C GLY B 265 -28.01 2.65 -36.77
N ALA B 266 -29.23 3.15 -37.03
CA ALA B 266 -30.38 2.30 -37.29
C ALA B 266 -30.13 1.28 -38.41
N LYS B 267 -29.38 1.69 -39.43
CA LYS B 267 -29.05 0.78 -40.55
C LYS B 267 -28.09 -0.39 -40.24
N ILE B 268 -27.32 -0.30 -39.16
CA ILE B 268 -26.33 -1.34 -38.80
C ILE B 268 -26.80 -2.22 -37.61
N VAL B 269 -27.92 -1.84 -36.97
CA VAL B 269 -28.50 -2.67 -35.92
C VAL B 269 -28.66 -4.14 -36.32
N LYS B 270 -29.14 -4.41 -37.55
CA LYS B 270 -29.37 -5.79 -38.02
C LYS B 270 -28.09 -6.61 -37.97
N ASP B 271 -27.02 -5.95 -38.32
CA ASP B 271 -25.74 -6.63 -38.39
C ASP B 271 -25.13 -6.87 -37.01
N LEU B 272 -25.19 -5.86 -36.13
CA LEU B 272 -24.93 -6.11 -34.72
C LEU B 272 -25.65 -7.39 -34.13
N MET B 273 -26.96 -7.49 -34.34
CA MET B 273 -27.77 -8.54 -33.71
C MET B 273 -27.44 -9.90 -34.26
N SER B 274 -27.18 -9.92 -35.56
CA SER B 274 -26.69 -11.06 -36.31
C SER B 274 -25.32 -11.56 -35.82
N LYS B 275 -24.41 -10.66 -35.49
CA LYS B 275 -23.13 -11.10 -34.88
C LYS B 275 -23.39 -11.66 -33.52
N ALA B 276 -24.34 -11.07 -32.81
CA ALA B 276 -24.61 -11.49 -31.44
C ALA B 276 -25.18 -12.90 -31.48
N GLU B 277 -26.08 -13.09 -32.44
CA GLU B 277 -26.72 -14.38 -32.72
C GLU B 277 -25.70 -15.49 -33.01
N LYS B 278 -24.74 -15.22 -33.87
CA LYS B 278 -23.69 -16.18 -34.20
C LYS B 278 -22.81 -16.51 -33.05
N ASN B 279 -22.53 -15.49 -32.23
CA ASN B 279 -21.57 -15.63 -31.13
C ASN B 279 -22.20 -16.16 -29.88
N GLY B 280 -23.50 -16.42 -29.95
CA GLY B 280 -24.26 -16.92 -28.81
C GLY B 280 -24.43 -15.88 -27.72
N VAL B 281 -24.44 -14.61 -28.08
CA VAL B 281 -24.54 -13.51 -27.09
C VAL B 281 -26.00 -13.14 -26.91
N LYS B 282 -26.50 -13.18 -25.68
CA LYS B 282 -27.85 -12.70 -25.43
C LYS B 282 -27.82 -11.18 -25.22
N ILE B 283 -28.64 -10.44 -25.97
CA ILE B 283 -28.69 -8.99 -25.83
C ILE B 283 -29.86 -8.58 -24.86
N THR B 284 -29.61 -7.69 -23.90
CA THR B 284 -30.67 -7.21 -23.02
C THR B 284 -30.80 -5.73 -23.27
N LEU B 285 -31.95 -5.35 -23.85
CA LEU B 285 -32.36 -3.98 -24.00
C LEU B 285 -33.39 -3.59 -22.90
N PRO B 286 -33.53 -2.28 -22.67
CA PRO B 286 -34.48 -1.93 -21.64
C PRO B 286 -35.88 -2.16 -22.17
N VAL B 287 -36.84 -2.26 -21.26
CA VAL B 287 -38.23 -2.53 -21.60
C VAL B 287 -39.17 -1.43 -21.12
N ASP B 288 -38.69 -0.54 -20.26
CA ASP B 288 -39.51 0.58 -19.81
C ASP B 288 -38.63 1.75 -19.48
N PHE B 289 -39.27 2.89 -19.23
CA PHE B 289 -38.64 4.21 -19.35
C PHE B 289 -39.20 5.29 -18.42
N VAL B 290 -38.30 6.17 -17.96
CA VAL B 290 -38.70 7.47 -17.38
C VAL B 290 -38.58 8.49 -18.48
N THR B 291 -39.70 9.14 -18.82
CA THR B 291 -39.75 10.13 -19.88
C THR B 291 -39.65 11.59 -19.35
N ALA B 292 -39.42 12.55 -20.23
CA ALA B 292 -39.37 13.95 -19.86
C ALA B 292 -39.90 14.77 -21.01
N ASP B 293 -40.46 15.94 -20.68
CA ASP B 293 -41.18 16.75 -21.66
C ASP B 293 -40.23 17.63 -22.45
N LYS B 294 -39.01 17.75 -21.94
CA LYS B 294 -37.89 18.31 -22.70
C LYS B 294 -36.60 17.81 -22.04
N PHE B 295 -35.49 18.07 -22.73
CA PHE B 295 -34.14 17.79 -22.22
C PHE B 295 -33.66 18.87 -21.28
N ASP B 296 -34.00 18.68 -20.02
CA ASP B 296 -33.76 19.68 -19.00
C ASP B 296 -33.82 18.96 -17.67
N GLU B 297 -32.92 19.33 -16.75
CA GLU B 297 -32.90 18.75 -15.40
C GLU B 297 -34.25 18.84 -14.74
N ASN B 298 -34.85 20.03 -14.73
CA ASN B 298 -36.12 20.22 -14.03
C ASN B 298 -37.33 20.08 -14.96
N ALA B 299 -37.39 18.97 -15.68
CA ALA B 299 -38.47 18.73 -16.67
C ALA B 299 -39.60 17.99 -16.00
N LYS B 300 -40.79 18.09 -16.60
CA LYS B 300 -41.93 17.28 -16.16
C LYS B 300 -41.63 15.81 -16.51
N THR B 301 -41.85 14.90 -15.56
CA THR B 301 -41.58 13.48 -15.85
C THR B 301 -42.82 12.64 -16.18
N GLY B 302 -42.64 11.49 -16.82
CA GLY B 302 -43.71 10.56 -17.11
C GLY B 302 -43.17 9.16 -17.02
N GLN B 303 -43.97 8.17 -17.41
CA GLN B 303 -43.47 6.78 -17.62
C GLN B 303 -43.95 6.24 -18.96
N ALA B 304 -43.27 5.20 -19.44
CA ALA B 304 -43.60 4.52 -20.71
C ALA B 304 -43.03 3.11 -20.78
N THR B 305 -43.55 2.32 -21.71
CA THR B 305 -43.03 0.97 -21.99
C THR B 305 -42.86 0.81 -23.51
N VAL B 306 -42.09 -0.20 -23.89
CA VAL B 306 -42.07 -0.74 -25.27
C VAL B 306 -43.52 -0.89 -25.81
N ALA B 307 -44.39 -1.53 -25.01
CA ALA B 307 -45.81 -1.73 -25.39
C ALA B 307 -46.67 -0.48 -25.53
N SER B 308 -46.52 0.47 -24.60
CA SER B 308 -47.32 1.68 -24.60
C SER B 308 -46.75 2.67 -25.55
N GLY B 309 -45.43 2.61 -25.79
CA GLY B 309 -44.80 3.60 -26.64
C GLY B 309 -44.50 4.87 -25.87
N ILE B 310 -43.60 5.69 -26.37
CA ILE B 310 -43.36 6.99 -25.76
C ILE B 310 -44.14 8.11 -26.51
N PRO B 311 -44.93 8.92 -25.79
CA PRO B 311 -45.84 9.88 -26.50
C PRO B 311 -45.05 10.87 -27.34
N ALA B 312 -45.69 11.50 -28.33
CA ALA B 312 -44.99 12.49 -29.16
C ALA B 312 -44.70 13.70 -28.30
N GLY B 313 -43.54 14.30 -28.50
CA GLY B 313 -43.14 15.45 -27.67
C GLY B 313 -42.36 15.11 -26.39
N TRP B 314 -42.34 13.81 -26.02
CA TRP B 314 -41.64 13.29 -24.82
C TRP B 314 -40.39 12.40 -25.14
N MET B 315 -39.36 12.53 -24.32
CA MET B 315 -38.10 11.77 -24.51
C MET B 315 -37.83 10.86 -23.32
N GLY B 316 -37.31 9.65 -23.59
CA GLY B 316 -36.91 8.71 -22.54
C GLY B 316 -35.53 9.12 -22.05
N LEU B 317 -35.41 9.45 -20.76
CA LEU B 317 -34.12 9.88 -20.26
C LEU B 317 -33.51 8.87 -19.26
N ASP B 318 -34.25 7.79 -18.98
CA ASP B 318 -33.80 6.77 -18.01
C ASP B 318 -34.55 5.50 -18.23
N CYS B 319 -33.97 4.36 -17.87
CA CYS B 319 -34.80 3.15 -17.89
C CYS B 319 -35.70 3.13 -16.67
N GLY B 320 -36.69 2.27 -16.69
CA GLY B 320 -37.62 2.19 -15.58
C GLY B 320 -37.36 0.94 -14.79
N PRO B 321 -38.25 0.63 -13.84
CA PRO B 321 -38.14 -0.45 -12.86
C PRO B 321 -38.13 -1.84 -13.49
N GLU B 322 -38.86 -2.03 -14.59
CA GLU B 322 -38.84 -3.37 -15.19
C GLU B 322 -37.54 -3.63 -15.96
N SER B 323 -37.03 -2.60 -16.63
CA SER B 323 -35.71 -2.68 -17.25
C SER B 323 -34.67 -2.95 -16.13
N SER B 324 -34.76 -2.24 -14.99
CA SER B 324 -33.89 -2.53 -13.84
C SER B 324 -33.87 -3.98 -13.37
N LYS B 325 -35.06 -4.58 -13.35
CA LYS B 325 -35.24 -6.02 -13.05
C LYS B 325 -34.60 -6.97 -14.03
N LYS B 326 -34.68 -6.66 -15.31
CA LYS B 326 -34.08 -7.51 -16.33
C LYS B 326 -32.52 -7.38 -16.35
N TYR B 327 -32.04 -6.20 -15.98
CA TYR B 327 -30.63 -5.93 -15.95
C TYR B 327 -30.06 -6.66 -14.80
N ALA B 328 -30.78 -6.59 -13.67
CA ALA B 328 -30.43 -7.30 -12.45
C ALA B 328 -30.28 -8.82 -12.66
N GLU B 329 -31.18 -9.39 -13.45
CA GLU B 329 -31.14 -10.79 -13.83
C GLU B 329 -29.86 -11.14 -14.63
N ALA B 330 -29.49 -10.30 -15.59
CA ALA B 330 -28.25 -10.44 -16.32
C ALA B 330 -27.05 -10.41 -15.37
N VAL B 331 -27.01 -9.41 -14.47
CA VAL B 331 -25.95 -9.26 -13.45
C VAL B 331 -25.81 -10.56 -12.62
N THR B 332 -26.98 -11.10 -12.24
CA THR B 332 -27.12 -12.33 -11.42
C THR B 332 -26.41 -13.51 -12.11
N ARG B 333 -26.34 -13.44 -13.44
CA ARG B 333 -25.75 -14.52 -14.21
C ARG B 333 -24.24 -14.42 -14.45
N ALA B 334 -23.66 -13.24 -14.27
CA ALA B 334 -22.28 -12.98 -14.68
C ALA B 334 -21.42 -13.32 -13.53
N LYS B 335 -20.22 -13.81 -13.84
CA LYS B 335 -19.13 -13.90 -12.90
C LYS B 335 -18.09 -12.83 -13.27
N GLN B 336 -18.33 -12.15 -14.39
CA GLN B 336 -17.50 -10.98 -14.74
C GLN B 336 -18.27 -9.90 -15.52
N ILE B 337 -18.00 -8.63 -15.21
CA ILE B 337 -18.84 -7.55 -15.72
C ILE B 337 -17.94 -6.46 -16.09
N VAL B 338 -18.08 -5.98 -17.33
CA VAL B 338 -17.43 -4.73 -17.72
C VAL B 338 -18.52 -3.74 -18.05
N TRP B 339 -18.44 -2.53 -17.44
CA TRP B 339 -19.49 -1.48 -17.56
C TRP B 339 -18.96 -0.10 -17.97
N ASN B 340 -19.26 0.32 -19.18
CA ASN B 340 -18.86 1.62 -19.65
C ASN B 340 -20.08 2.40 -20.15
N GLY B 341 -20.35 3.61 -19.63
CA GLY B 341 -21.51 4.41 -20.08
C GLY B 341 -22.75 4.21 -19.19
N PRO B 342 -23.33 5.30 -18.66
CA PRO B 342 -24.51 5.22 -17.81
C PRO B 342 -25.77 4.77 -18.60
N VAL B 343 -26.76 4.22 -17.88
CA VAL B 343 -28.03 3.80 -18.51
C VAL B 343 -29.13 4.91 -18.56
N GLY B 344 -28.78 6.14 -18.20
CA GLY B 344 -29.72 7.27 -18.24
C GLY B 344 -28.96 8.58 -18.07
N VAL B 345 -29.69 9.70 -17.93
CA VAL B 345 -29.04 10.97 -17.80
C VAL B 345 -28.77 11.20 -16.31
N PHE B 346 -27.76 10.51 -15.78
CA PHE B 346 -27.66 10.34 -14.33
C PHE B 346 -27.18 11.60 -13.54
N GLU B 347 -26.72 12.61 -14.28
CA GLU B 347 -26.38 13.90 -13.68
C GLU B 347 -27.61 14.62 -13.12
N TRP B 348 -28.78 14.27 -13.63
CA TRP B 348 -30.04 14.80 -13.11
C TRP B 348 -30.76 13.79 -12.24
N GLU B 349 -31.15 14.18 -11.02
CA GLU B 349 -31.78 13.19 -10.11
C GLU B 349 -33.03 12.45 -10.70
N ALA B 350 -33.83 13.17 -11.49
CA ALA B 350 -35.07 12.58 -12.07
C ALA B 350 -34.75 11.33 -12.93
N PHE B 351 -33.56 11.32 -13.50
CA PHE B 351 -33.16 10.31 -14.45
C PHE B 351 -31.88 9.58 -14.06
N ALA B 352 -31.59 9.50 -12.73
CA ALA B 352 -30.44 8.75 -12.13
C ALA B 352 -30.80 7.36 -11.56
N ARG B 353 -32.08 7.07 -11.37
CA ARG B 353 -32.49 5.86 -10.58
C ARG B 353 -32.13 4.55 -11.24
N GLY B 354 -32.23 4.50 -12.58
CA GLY B 354 -31.80 3.35 -13.38
C GLY B 354 -30.32 3.08 -13.16
N THR B 355 -29.51 4.14 -13.25
CA THR B 355 -28.02 4.05 -12.98
C THR B 355 -27.63 3.64 -11.56
N LYS B 356 -28.28 4.24 -10.55
CA LYS B 356 -28.02 3.89 -9.12
C LYS B 356 -28.49 2.48 -8.77
N ALA B 357 -29.67 2.09 -9.27
CA ALA B 357 -30.16 0.69 -9.19
C ALA B 357 -29.16 -0.36 -9.74
N LEU B 358 -28.70 -0.14 -10.98
CA LEU B 358 -27.65 -1.03 -11.57
C LEU B 358 -26.38 -1.07 -10.73
N MET B 359 -25.93 0.09 -10.26
CA MET B 359 -24.79 0.12 -9.31
C MET B 359 -25.04 -0.74 -8.07
N ASP B 360 -26.24 -0.70 -7.51
CA ASP B 360 -26.52 -1.61 -6.40
C ASP B 360 -26.40 -3.07 -6.76
N GLU B 361 -26.88 -3.42 -7.94
CA GLU B 361 -26.79 -4.80 -8.40
C GLU B 361 -25.34 -5.22 -8.60
N VAL B 362 -24.54 -4.27 -9.12
CA VAL B 362 -23.11 -4.51 -9.37
C VAL B 362 -22.28 -4.60 -8.10
N VAL B 363 -22.62 -3.80 -7.10
CA VAL B 363 -21.96 -3.93 -5.76
C VAL B 363 -22.31 -5.33 -5.14
N LYS B 364 -23.61 -5.67 -5.15
CA LYS B 364 -24.11 -6.97 -4.66
C LYS B 364 -23.46 -8.15 -5.38
N ALA B 365 -23.23 -8.02 -6.69
CA ALA B 365 -22.52 -9.09 -7.44
C ALA B 365 -21.08 -9.29 -6.98
N THR B 366 -20.36 -8.18 -6.85
CA THR B 366 -18.98 -8.20 -6.33
C THR B 366 -18.91 -8.95 -5.00
N SER B 367 -19.80 -8.58 -4.05
CA SER B 367 -19.88 -9.18 -2.71
C SER B 367 -20.00 -10.69 -2.73
N ARG B 368 -20.61 -11.22 -3.78
CA ARG B 368 -20.69 -12.67 -3.89
C ARG B 368 -19.63 -13.28 -4.84
N GLY B 369 -18.56 -12.54 -5.10
CA GLY B 369 -17.43 -13.04 -5.89
C GLY B 369 -17.30 -12.61 -7.36
N CYS B 370 -18.22 -11.78 -7.87
CA CYS B 370 -18.13 -11.32 -9.27
C CYS B 370 -16.97 -10.31 -9.46
N ILE B 371 -16.26 -10.40 -10.60
CA ILE B 371 -15.21 -9.45 -10.95
C ILE B 371 -15.87 -8.32 -11.74
N THR B 372 -15.89 -7.12 -11.17
CA THR B 372 -16.71 -6.00 -11.68
C THR B 372 -15.80 -4.79 -11.99
N ILE B 373 -15.79 -4.34 -13.24
CA ILE B 373 -14.99 -3.21 -13.68
C ILE B 373 -15.95 -2.15 -14.20
N ILE B 374 -15.91 -0.99 -13.54
CA ILE B 374 -16.78 0.15 -13.85
C ILE B 374 -15.90 1.34 -14.18
N GLY B 375 -16.49 2.40 -14.77
CA GLY B 375 -15.72 3.51 -15.32
C GLY B 375 -15.93 4.89 -14.74
N GLY B 376 -16.47 5.83 -15.54
CA GLY B 376 -16.81 5.61 -16.96
C GLY B 376 -17.55 6.80 -17.59
N ASP B 390 -14.21 0.89 -3.54
CA ASP B 390 -14.07 -0.14 -2.51
C ASP B 390 -15.17 -1.23 -2.55
N LYS B 391 -16.28 -0.95 -3.22
CA LYS B 391 -17.43 -1.87 -3.32
C LYS B 391 -17.48 -2.64 -4.67
N VAL B 392 -16.62 -2.26 -5.61
CA VAL B 392 -16.50 -3.01 -6.86
C VAL B 392 -15.05 -3.37 -7.06
N SER B 393 -14.76 -4.34 -7.94
CA SER B 393 -13.36 -4.83 -8.14
C SER B 393 -12.44 -3.72 -8.57
N HIS B 394 -12.91 -2.88 -9.49
CA HIS B 394 -12.05 -1.86 -10.02
C HIS B 394 -12.88 -0.72 -10.62
N VAL B 395 -12.60 0.50 -10.20
CA VAL B 395 -13.23 1.71 -10.77
C VAL B 395 -12.15 2.37 -11.62
N SER B 396 -12.36 2.39 -12.92
CA SER B 396 -11.40 2.97 -13.81
C SER B 396 -11.42 4.50 -13.81
N THR B 397 -10.25 5.06 -14.06
CA THR B 397 -10.03 6.50 -14.15
C THR B 397 -10.01 6.90 -15.61
N GLY B 398 -10.19 5.93 -16.50
CA GLY B 398 -10.07 6.18 -17.90
C GLY B 398 -11.31 5.77 -18.64
N GLY B 399 -12.41 6.47 -18.39
CA GLY B 399 -13.60 6.42 -19.27
C GLY B 399 -13.31 6.21 -20.77
N GLY B 400 -12.79 7.24 -21.43
CA GLY B 400 -12.57 7.27 -22.89
C GLY B 400 -11.33 6.52 -23.36
N ALA B 401 -10.28 6.49 -22.53
CA ALA B 401 -9.14 5.57 -22.76
C ALA B 401 -9.57 4.11 -22.77
N SER B 402 -10.34 3.67 -21.75
CA SER B 402 -10.83 2.27 -21.71
C SER B 402 -11.80 1.97 -22.87
N LEU B 403 -12.61 2.96 -23.23
CA LEU B 403 -13.47 2.80 -24.40
C LEU B 403 -12.57 2.46 -25.61
N GLU B 404 -11.53 3.25 -25.89
CA GLU B 404 -10.59 2.84 -26.95
C GLU B 404 -9.95 1.46 -26.85
N LEU B 405 -9.47 1.11 -25.67
CA LEU B 405 -9.06 -0.25 -25.35
C LEU B 405 -10.08 -1.29 -25.79
N LEU B 406 -11.34 -1.09 -25.39
CA LEU B 406 -12.44 -2.07 -25.56
C LEU B 406 -12.91 -2.25 -27.02
N GLU B 407 -12.80 -1.18 -27.80
CA GLU B 407 -12.82 -1.23 -29.26
C GLU B 407 -11.67 -2.06 -29.92
N GLY B 408 -10.56 -2.28 -29.21
CA GLY B 408 -9.41 -3.02 -29.74
C GLY B 408 -8.38 -2.11 -30.42
N LYS B 409 -8.44 -0.83 -30.09
CA LYS B 409 -7.53 0.18 -30.58
C LYS B 409 -6.22 0.17 -29.75
N VAL B 410 -5.14 0.62 -30.37
CA VAL B 410 -3.84 0.72 -29.73
C VAL B 410 -3.89 1.98 -28.82
N LEU B 411 -3.30 1.93 -27.62
CA LEU B 411 -3.09 3.15 -26.79
C LEU B 411 -1.66 3.69 -27.00
N PRO B 412 -1.52 4.87 -27.68
CA PRO B 412 -0.19 5.40 -27.96
C PRO B 412 0.64 5.66 -26.70
N GLY B 413 0.02 6.09 -25.61
CA GLY B 413 0.72 6.24 -24.35
C GLY B 413 1.30 4.94 -23.78
N VAL B 414 0.72 3.78 -24.12
CA VAL B 414 1.26 2.50 -23.62
C VAL B 414 2.33 2.05 -24.60
N ASP B 415 2.02 2.13 -25.90
CA ASP B 415 2.97 1.75 -26.93
C ASP B 415 4.34 2.46 -26.87
N ALA B 416 4.34 3.75 -26.54
CA ALA B 416 5.55 4.56 -26.26
C ALA B 416 6.42 4.12 -25.08
N LEU B 417 5.88 3.40 -24.09
CA LEU B 417 6.71 2.92 -22.97
C LEU B 417 7.89 2.10 -23.49
N SER B 418 8.94 1.95 -22.66
CA SER B 418 10.10 1.05 -22.94
C SER B 418 9.69 -0.45 -22.85
N ASN B 419 10.22 -1.27 -23.75
CA ASN B 419 9.97 -2.70 -23.74
C ASN B 419 10.84 -3.42 -22.73
N ILE B 420 10.23 -4.42 -22.09
CA ILE B 420 10.78 -5.54 -21.26
C ILE B 420 10.63 -5.70 -19.74
C1 3PG C . 12.29 -12.15 18.05
O1 3PG C . 13.17 -11.36 17.68
O2 3PG C . 12.02 -12.32 19.24
C2 3PG C . 11.47 -12.83 16.96
O3 3PG C . 10.30 -13.41 17.53
C3 3PG C . 12.30 -13.83 16.16
O1P 3PG C . 12.62 -15.00 16.94
P 3PG C . 13.95 -15.86 16.61
O2P 3PG C . 15.09 -14.95 16.91
O3P 3PG C . 13.85 -16.16 15.12
O4P 3PG C . 13.84 -16.95 17.63
C1 3PG D . -10.19 12.16 -20.41
O1 3PG D . -10.76 11.29 -21.12
O2 3PG D . -10.85 12.75 -19.57
C2 3PG D . -8.68 12.39 -20.49
O3 3PG D . -8.25 13.21 -19.38
C3 3PG D . -8.22 13.00 -21.81
O1P 3PG D . -8.87 14.26 -22.07
P 3PG D . -9.27 14.74 -23.55
O2P 3PG D . -10.53 13.93 -23.83
O3P 3PG D . -8.03 14.34 -24.30
O4P 3PG D . -9.53 16.22 -23.45
#